data_8FRP
#
_entry.id   8FRP
#
loop_
_entity.id
_entity.type
_entity.pdbx_description
1 polymer 'Lipopolysaccharide export system ATP-binding protein LptB'
2 polymer 'Lipopolysaccharide export system protein LptC'
3 polymer 'Lipopolysaccharide export system permease protein LptF'
4 polymer 'LPS export ABC transporter permease LptG'
#
loop_
_entity_poly.entity_id
_entity_poly.type
_entity_poly.pdbx_seq_one_letter_code
_entity_poly.pdbx_strand_id
1 'polypeptide(L)'
;MEQIAQQQPQTLCIKHLAKNYSKRWVVKDVSFEMQSGQIVGLLGPNGAGKTTSFYMVVGLVRMDKGEIHLDNLDLSDLAM
HERARKGIGYLPQEASIFRKLTIAENIMAILETRKDLNKQQRQQRLQELLNDFKITHIKDSLGMSVSGGERRRAEIARAL
AADPKFMLLDEPFAGVDPISVGDIKDIIRNLKDRGIGVLITDHNVRETLAICEHAYIVSEGAVIAEGSPQDILENEQVRK
VYLGDDFTV
;
A,B
2 'polypeptide(L)'
;(UNK)(UNK)(UNK)(UNK)(UNK)(UNK)(UNK)(UNK)(UNK)(UNK)(UNK)(UNK)(UNK)(UNK)(UNK)(UNK)
(UNK)(UNK)(UNK)(UNK)(UNK)
;
C
3 'polypeptide(L)'
;MIIRRYLVKQVVSTSLVVIALLTLIMMGGRLIKYFGVAAQGRLDAGVLFSIIGYRMPEFLTLILPLGFFIGLMLVFGRLY
VDHEMAVLNGSGISRIRLGQLLIPLALVFLVIQGILMLWMTPWGLRQFDQLSSSQAVRTGFDLVRPKEFISSGPYTIYAG
DLSEDRKNLKDIFFYQRAQKEGKPDVMILAKEATRVVMENETANVVDLIQGRRYEIYPGKAKYSQAEFQRYRLRLENDKS
ATFETDKVEALPSSKLWNKWNDPVIASEMGWRVFGPFTIVIALMMAVALCEVSPRQGRYYRLIPAIFIFASLIVLLIAIR
TRISRDELGVWAYPAALAVYGIAAALFSRKQKLAPKIKKQIKRVRA
;
F
4 'polypeptide(L)'
;MLARRIVAKHVTKTTALAMLGTTIVLVILQVLFTYLGELSNLKADYSAWQAFLYVLWGAPRYLYEILPISALIGAILGLG
TLASNSELIVMRSVGISLWRIVGWVIRSALVLVLLSFALSEWVVPYTNERANSVKSHQSVAALGEVRGYWSREGQRFIYV
DYANSQGQLKRIQVVDFDDNYRLKSVTNAEQGQFVKDGQWLLNHSQQMAIQGQGDAVLANAAKQPFSLALQPKYVHMVTI
DPEDLSFSQLVSFMNYMREYSQVPKTYQLAFWKKVASPFALITLVLVACSFIFGPLRQQSMGFRLVIALFIGLGFYYLQD
FLGYASLVYNPSPAWFVLGPIVLMFVAGSYLLYRAR
;
G
#
# COMPACT_ATOMS: atom_id res chain seq x y z
N GLN A 10 32.68 3.13 -25.48
CA GLN A 10 31.90 4.06 -24.67
C GLN A 10 32.21 3.89 -23.19
N THR A 11 32.26 5.00 -22.47
CA THR A 11 32.68 5.03 -21.07
C THR A 11 31.69 5.86 -20.27
N LEU A 12 30.86 5.19 -19.47
CA LEU A 12 29.98 5.89 -18.54
C LEU A 12 30.79 6.40 -17.37
N CYS A 13 30.81 7.72 -17.18
CA CYS A 13 31.58 8.36 -16.13
C CYS A 13 30.65 8.97 -15.10
N ILE A 14 30.85 8.60 -13.83
CA ILE A 14 30.08 9.12 -12.71
C ILE A 14 31.04 9.82 -11.76
N LYS A 15 30.72 11.05 -11.40
CA LYS A 15 31.61 11.89 -10.60
C LYS A 15 30.87 12.52 -9.44
N HIS A 16 31.40 12.29 -8.23
CA HIS A 16 31.02 13.06 -7.04
C HIS A 16 29.52 13.02 -6.76
N LEU A 17 28.93 11.82 -6.81
CA LEU A 17 27.53 11.68 -6.45
C LEU A 17 27.31 12.06 -4.98
N ALA A 18 26.15 12.64 -4.70
CA ALA A 18 25.79 12.98 -3.33
C ALA A 18 24.27 13.06 -3.21
N LYS A 19 23.77 12.73 -2.03
CA LYS A 19 22.34 12.73 -1.78
C LYS A 19 22.10 12.71 -0.27
N ASN A 20 21.32 13.67 0.23
CA ASN A 20 21.03 13.77 1.65
C ASN A 20 19.55 13.51 1.89
N TYR A 21 19.26 12.58 2.79
CA TYR A 21 17.89 12.22 3.15
C TYR A 21 17.65 12.61 4.60
N SER A 22 16.60 13.40 4.83
CA SER A 22 16.24 13.89 6.17
C SER A 22 17.44 14.54 6.85
N LYS A 23 18.12 15.41 6.11
CA LYS A 23 19.28 16.16 6.61
C LYS A 23 20.42 15.23 7.02
N ARG A 24 20.47 14.04 6.42
CA ARG A 24 21.55 13.09 6.66
C ARG A 24 22.11 12.68 5.30
N TRP A 25 23.42 12.92 5.11
CA TRP A 25 24.04 12.67 3.81
C TRP A 25 24.21 11.18 3.57
N VAL A 26 23.25 10.55 2.88
CA VAL A 26 23.33 9.12 2.63
C VAL A 26 24.52 8.80 1.73
N VAL A 27 24.73 9.58 0.69
CA VAL A 27 25.80 9.37 -0.28
C VAL A 27 26.72 10.58 -0.25
N LYS A 28 28.03 10.34 -0.11
CA LYS A 28 29.03 11.40 -0.06
C LYS A 28 30.19 11.04 -0.97
N ASP A 29 30.27 11.70 -2.13
CA ASP A 29 31.39 11.59 -3.05
C ASP A 29 31.60 10.14 -3.52
N VAL A 30 30.59 9.65 -4.25
CA VAL A 30 30.67 8.36 -4.93
C VAL A 30 30.95 8.61 -6.39
N SER A 31 32.03 8.01 -6.90
CA SER A 31 32.45 8.19 -8.29
C SER A 31 33.03 6.89 -8.81
N PHE A 32 32.51 6.42 -9.94
CA PHE A 32 33.00 5.20 -10.55
C PHE A 32 32.84 5.30 -12.06
N GLU A 33 33.61 4.49 -12.78
CA GLU A 33 33.62 4.48 -14.24
C GLU A 33 33.33 3.07 -14.74
N MET A 34 32.40 2.96 -15.68
CA MET A 34 32.05 1.68 -16.30
C MET A 34 32.15 1.82 -17.80
N GLN A 35 32.83 0.87 -18.44
CA GLN A 35 32.98 0.85 -19.88
C GLN A 35 32.00 -0.13 -20.51
N SER A 36 31.77 0.03 -21.81
CA SER A 36 30.91 -0.89 -22.54
C SER A 36 31.57 -2.26 -22.66
N GLY A 37 30.77 -3.30 -22.52
CA GLY A 37 31.27 -4.66 -22.54
C GLY A 37 31.97 -5.11 -21.28
N GLN A 38 31.84 -4.35 -20.20
CA GLN A 38 32.48 -4.68 -18.93
C GLN A 38 31.43 -4.76 -17.84
N ILE A 39 31.55 -5.76 -16.98
CA ILE A 39 30.61 -5.97 -15.87
C ILE A 39 31.21 -5.34 -14.62
N VAL A 40 30.49 -4.40 -14.02
CA VAL A 40 30.92 -3.68 -12.83
C VAL A 40 29.91 -3.92 -11.73
N GLY A 41 30.39 -4.36 -10.57
CA GLY A 41 29.55 -4.63 -9.42
C GLY A 41 29.64 -3.51 -8.39
N LEU A 42 28.51 -2.86 -8.14
CA LEU A 42 28.41 -1.78 -7.16
C LEU A 42 27.90 -2.39 -5.85
N LEU A 43 28.83 -2.81 -5.01
CA LEU A 43 28.52 -3.51 -3.76
C LEU A 43 28.81 -2.60 -2.56
N GLY A 44 28.59 -3.15 -1.38
CA GLY A 44 28.81 -2.44 -0.14
C GLY A 44 27.86 -2.89 0.94
N PRO A 45 28.06 -2.39 2.16
CA PRO A 45 27.16 -2.75 3.26
C PRO A 45 25.74 -2.29 2.99
N ASN A 46 24.78 -3.06 3.49
CA ASN A 46 23.37 -2.71 3.32
C ASN A 46 23.06 -1.38 4.01
N GLY A 47 22.40 -0.48 3.29
CA GLY A 47 22.05 0.80 3.84
C GLY A 47 23.19 1.80 3.93
N ALA A 48 24.35 1.48 3.37
CA ALA A 48 25.51 2.36 3.42
C ALA A 48 25.58 3.31 2.23
N GLY A 49 24.56 3.32 1.38
CA GLY A 49 24.52 4.19 0.23
C GLY A 49 24.77 3.51 -1.10
N LYS A 50 24.95 2.19 -1.13
CA LYS A 50 25.13 1.50 -2.41
C LYS A 50 23.83 1.44 -3.19
N THR A 51 22.68 1.33 -2.50
CA THR A 51 21.40 1.32 -3.18
C THR A 51 21.01 2.70 -3.67
N THR A 52 21.21 3.73 -2.83
CA THR A 52 20.86 5.09 -3.23
C THR A 52 21.74 5.58 -4.38
N SER A 53 23.05 5.30 -4.30
CA SER A 53 23.95 5.72 -5.39
C SER A 53 23.59 5.03 -6.70
N PHE A 54 23.11 3.78 -6.62
CA PHE A 54 22.66 3.09 -7.83
C PHE A 54 21.45 3.78 -8.44
N TYR A 55 20.51 4.24 -7.61
CA TYR A 55 19.28 4.83 -8.11
C TYR A 55 19.53 6.18 -8.77
N MET A 56 20.49 6.96 -8.26
CA MET A 56 20.82 8.22 -8.92
C MET A 56 21.41 8.00 -10.31
N VAL A 57 22.08 6.86 -10.51
CA VAL A 57 22.58 6.53 -11.84
C VAL A 57 21.41 6.19 -12.77
N VAL A 58 20.45 5.42 -12.29
CA VAL A 58 19.29 5.07 -13.12
C VAL A 58 18.43 6.29 -13.38
N GLY A 59 18.11 7.04 -12.33
CA GLY A 59 17.25 8.20 -12.47
C GLY A 59 16.02 8.21 -11.60
N LEU A 60 15.88 7.20 -10.73
CA LEU A 60 14.71 7.12 -9.87
C LEU A 60 14.66 8.30 -8.89
N VAL A 61 15.77 8.56 -8.21
CA VAL A 61 15.86 9.63 -7.21
C VAL A 61 16.68 10.77 -7.79
N ARG A 62 16.21 11.99 -7.57
CA ARG A 62 16.85 13.17 -8.13
C ARG A 62 18.23 13.38 -7.51
N MET A 63 19.20 13.68 -8.35
CA MET A 63 20.55 14.01 -7.87
C MET A 63 20.52 15.28 -7.03
N ASP A 64 21.45 15.37 -6.08
CA ASP A 64 21.62 16.57 -5.29
C ASP A 64 22.99 17.21 -5.40
N LYS A 65 23.98 16.51 -5.98
CA LYS A 65 25.30 17.09 -6.23
C LYS A 65 26.08 16.11 -7.09
N GLY A 66 26.87 16.64 -8.01
CA GLY A 66 27.71 15.83 -8.88
C GLY A 66 27.26 15.92 -10.33
N GLU A 67 27.81 15.01 -11.13
CA GLU A 67 27.51 14.99 -12.55
C GLU A 67 27.71 13.57 -13.08
N ILE A 68 27.04 13.28 -14.19
CA ILE A 68 27.14 11.99 -14.86
C ILE A 68 27.44 12.24 -16.33
N HIS A 69 28.47 11.59 -16.85
CA HIS A 69 28.90 11.80 -18.22
C HIS A 69 28.95 10.46 -18.96
N LEU A 70 28.65 10.52 -20.26
CA LEU A 70 28.73 9.37 -21.16
C LEU A 70 29.40 9.87 -22.44
N ASP A 71 30.74 9.80 -22.47
CA ASP A 71 31.54 10.29 -23.58
C ASP A 71 31.26 11.78 -23.83
N ASN A 72 31.65 12.58 -22.84
CA ASN A 72 31.49 14.03 -22.83
C ASN A 72 30.09 14.45 -23.26
N LEU A 73 29.09 13.68 -22.85
CA LEU A 73 27.68 13.98 -23.11
C LEU A 73 26.95 13.94 -21.77
N ASP A 74 26.74 15.13 -21.19
CA ASP A 74 26.18 15.22 -19.85
C ASP A 74 24.78 14.62 -19.79
N LEU A 75 24.55 13.77 -18.78
CA LEU A 75 23.24 13.17 -18.55
C LEU A 75 22.64 13.58 -17.21
N SER A 76 23.28 14.51 -16.49
CA SER A 76 22.79 14.89 -15.16
C SER A 76 21.43 15.57 -15.25
N ASP A 77 21.23 16.45 -16.23
CA ASP A 77 19.99 17.19 -16.36
C ASP A 77 18.88 16.39 -17.05
N LEU A 78 19.23 15.29 -17.72
CA LEU A 78 18.23 14.50 -18.43
C LEU A 78 17.47 13.61 -17.45
N ALA A 79 16.16 13.48 -17.70
CA ALA A 79 15.32 12.64 -16.86
C ALA A 79 15.59 11.16 -17.16
N MET A 80 14.82 10.29 -16.50
CA MET A 80 15.01 8.86 -16.64
C MET A 80 14.77 8.39 -18.07
N HIS A 81 13.72 8.92 -18.71
CA HIS A 81 13.40 8.48 -20.07
C HIS A 81 14.37 9.03 -21.09
N GLU A 82 14.98 10.19 -20.81
CA GLU A 82 15.94 10.76 -21.75
C GLU A 82 17.27 10.04 -21.70
N ARG A 83 17.65 9.49 -20.55
CA ARG A 83 18.84 8.64 -20.49
C ARG A 83 18.62 7.31 -21.17
N ALA A 84 17.40 6.78 -21.11
CA ALA A 84 17.11 5.48 -21.73
C ALA A 84 17.32 5.53 -23.24
N ARG A 85 16.98 6.66 -23.87
CA ARG A 85 17.24 6.82 -25.29
C ARG A 85 18.73 6.94 -25.60
N LYS A 86 19.55 7.27 -24.59
CA LYS A 86 20.99 7.31 -24.77
C LYS A 86 21.65 5.95 -24.62
N GLY A 87 20.92 4.95 -24.11
CA GLY A 87 21.48 3.61 -24.01
C GLY A 87 21.65 3.11 -22.60
N ILE A 88 20.80 3.56 -21.67
CA ILE A 88 20.87 3.15 -20.28
C ILE A 88 19.58 2.43 -19.93
N GLY A 89 19.69 1.18 -19.50
CA GLY A 89 18.55 0.36 -19.17
C GLY A 89 18.38 0.14 -17.68
N TYR A 90 17.20 -0.28 -17.26
CA TYR A 90 16.92 -0.55 -15.85
C TYR A 90 16.15 -1.85 -15.73
N LEU A 91 16.55 -2.70 -14.78
CA LEU A 91 15.86 -3.96 -14.50
C LEU A 91 15.48 -4.01 -13.03
N PRO A 92 14.22 -3.73 -12.68
CA PRO A 92 13.83 -3.73 -11.26
C PRO A 92 13.98 -5.11 -10.65
N GLN A 93 14.34 -5.13 -9.36
CA GLN A 93 14.46 -6.40 -8.65
C GLN A 93 13.12 -7.11 -8.57
N GLU A 94 12.04 -6.39 -8.27
CA GLU A 94 10.73 -6.98 -8.18
C GLU A 94 10.17 -7.28 -9.57
N ALA A 95 9.10 -8.07 -9.60
CA ALA A 95 8.47 -8.47 -10.85
C ALA A 95 7.96 -7.25 -11.61
N SER A 96 8.58 -6.92 -12.73
CA SER A 96 8.23 -5.74 -13.51
C SER A 96 7.67 -6.09 -14.88
N ILE A 97 7.26 -7.34 -15.10
CA ILE A 97 6.68 -7.71 -16.37
C ILE A 97 5.27 -7.13 -16.47
N PHE A 98 4.85 -6.81 -17.70
CA PHE A 98 3.48 -6.37 -17.94
C PHE A 98 2.54 -7.55 -17.73
N ARG A 99 1.79 -7.52 -16.63
CA ARG A 99 1.12 -8.72 -16.14
C ARG A 99 0.13 -9.27 -17.16
N LYS A 100 -0.68 -8.39 -17.74
CA LYS A 100 -1.75 -8.80 -18.65
C LYS A 100 -1.36 -8.64 -20.12
N LEU A 101 -0.07 -8.66 -20.43
CA LEU A 101 0.41 -8.65 -21.80
C LEU A 101 1.13 -9.95 -22.12
N THR A 102 0.98 -10.40 -23.37
CA THR A 102 1.66 -11.62 -23.82
C THR A 102 3.17 -11.39 -23.80
N ILE A 103 3.91 -12.47 -23.52
CA ILE A 103 5.37 -12.37 -23.46
C ILE A 103 5.94 -11.89 -24.79
N ALA A 104 5.37 -12.38 -25.90
CA ALA A 104 5.78 -11.88 -27.21
C ALA A 104 5.44 -10.40 -27.37
N GLU A 105 4.32 -9.96 -26.78
CA GLU A 105 3.96 -8.55 -26.82
C GLU A 105 4.78 -7.70 -25.88
N ASN A 106 5.30 -8.30 -24.80
CA ASN A 106 6.17 -7.56 -23.89
C ASN A 106 7.43 -7.08 -24.60
N ILE A 107 8.08 -7.98 -25.34
CA ILE A 107 9.25 -7.58 -26.13
C ILE A 107 8.82 -6.67 -27.28
N MET A 108 7.67 -6.93 -27.87
CA MET A 108 7.21 -6.13 -29.01
C MET A 108 6.80 -4.73 -28.60
N ALA A 109 6.25 -4.57 -27.38
CA ALA A 109 5.84 -3.25 -26.93
C ALA A 109 7.01 -2.28 -26.85
N ILE A 110 8.20 -2.79 -26.57
CA ILE A 110 9.40 -1.95 -26.53
C ILE A 110 10.10 -1.90 -27.88
N LEU A 111 9.91 -2.91 -28.73
CA LEU A 111 10.50 -2.89 -30.06
C LEU A 111 9.87 -1.81 -30.93
N GLU A 112 8.56 -1.57 -30.78
CA GLU A 112 7.91 -0.50 -31.51
C GLU A 112 8.40 0.88 -31.09
N THR A 113 9.03 1.00 -29.91
CA THR A 113 9.65 2.26 -29.53
C THR A 113 10.84 2.58 -30.40
N ARG A 114 11.59 1.57 -30.83
CA ARG A 114 12.77 1.78 -31.65
C ARG A 114 12.39 2.46 -32.96
N LYS A 115 13.14 3.50 -33.32
CA LYS A 115 12.89 4.23 -34.55
C LYS A 115 13.65 3.67 -35.75
N ASP A 116 14.77 3.00 -35.51
CA ASP A 116 15.60 2.45 -36.58
C ASP A 116 15.19 1.04 -36.97
N LEU A 117 13.95 0.64 -36.72
CA LEU A 117 13.45 -0.67 -37.11
C LEU A 117 12.08 -0.52 -37.74
N ASN A 118 11.88 -1.18 -38.87
CA ASN A 118 10.59 -1.21 -39.54
C ASN A 118 9.89 -2.53 -39.23
N LYS A 119 8.65 -2.66 -39.73
CA LYS A 119 7.85 -3.85 -39.44
C LYS A 119 8.54 -5.11 -39.93
N GLN A 120 9.24 -5.04 -41.07
CA GLN A 120 9.89 -6.22 -41.63
C GLN A 120 10.96 -6.77 -40.69
N GLN A 121 11.78 -5.90 -40.11
CA GLN A 121 12.87 -6.32 -39.24
C GLN A 121 12.53 -6.23 -37.76
N ARG A 122 11.34 -5.73 -37.40
CA ARG A 122 10.92 -5.80 -36.01
C ARG A 122 10.51 -7.22 -35.63
N GLN A 123 9.75 -7.90 -36.52
CA GLN A 123 9.39 -9.29 -36.25
C GLN A 123 10.62 -10.20 -36.26
N GLN A 124 11.61 -9.90 -37.11
CA GLN A 124 12.85 -10.66 -37.11
C GLN A 124 13.62 -10.48 -35.81
N ARG A 125 13.70 -9.24 -35.31
CA ARG A 125 14.39 -8.99 -34.05
C ARG A 125 13.67 -9.66 -32.89
N LEU A 126 12.33 -9.60 -32.88
CA LEU A 126 11.57 -10.27 -31.82
C LEU A 126 11.76 -11.78 -31.88
N GLN A 127 11.79 -12.35 -33.10
CA GLN A 127 11.94 -13.78 -33.23
C GLN A 127 13.30 -14.26 -32.74
N GLU A 128 14.37 -13.50 -33.03
CA GLU A 128 15.69 -13.90 -32.57
C GLU A 128 15.90 -13.60 -31.09
N LEU A 129 15.22 -12.58 -30.56
CA LEU A 129 15.28 -12.32 -29.12
C LEU A 129 14.62 -13.44 -28.34
N LEU A 130 13.48 -13.95 -28.82
CA LEU A 130 12.84 -15.08 -28.18
C LEU A 130 13.70 -16.33 -28.24
N ASN A 131 14.38 -16.55 -29.37
CA ASN A 131 15.21 -17.74 -29.52
C ASN A 131 16.50 -17.63 -28.71
N ASP A 132 17.05 -16.41 -28.59
CA ASP A 132 18.28 -16.23 -27.83
C ASP A 132 18.10 -16.52 -26.35
N PHE A 133 16.88 -16.45 -25.83
CA PHE A 133 16.61 -16.68 -24.42
C PHE A 133 15.76 -17.92 -24.18
N LYS A 134 15.51 -18.73 -25.22
CA LYS A 134 14.80 -20.01 -25.09
C LYS A 134 13.45 -19.82 -24.41
N ILE A 135 12.72 -18.79 -24.83
CA ILE A 135 11.35 -18.55 -24.37
C ILE A 135 10.35 -18.59 -25.51
N THR A 136 10.78 -18.99 -26.71
CA THR A 136 9.87 -19.05 -27.84
C THR A 136 8.78 -20.10 -27.67
N HIS A 137 8.98 -21.09 -26.79
CA HIS A 137 7.94 -22.06 -26.53
C HIS A 137 6.83 -21.50 -25.64
N ILE A 138 7.15 -20.54 -24.79
CA ILE A 138 6.20 -19.96 -23.85
C ILE A 138 5.80 -18.55 -24.29
N LYS A 139 6.06 -18.22 -25.56
CA LYS A 139 5.83 -16.87 -26.07
C LYS A 139 4.36 -16.52 -26.23
N ASP A 140 3.45 -17.47 -26.03
CA ASP A 140 2.03 -17.23 -26.20
C ASP A 140 1.27 -17.18 -24.87
N SER A 141 1.97 -17.13 -23.75
CA SER A 141 1.32 -17.12 -22.44
C SER A 141 1.38 -15.73 -21.83
N LEU A 142 0.50 -15.50 -20.85
CA LEU A 142 0.43 -14.21 -20.20
C LEU A 142 1.66 -13.97 -19.33
N GLY A 143 1.91 -12.69 -19.04
CA GLY A 143 3.04 -12.32 -18.21
C GLY A 143 2.92 -12.78 -16.78
N MET A 144 1.70 -12.80 -16.23
CA MET A 144 1.48 -13.16 -14.84
C MET A 144 1.29 -14.65 -14.63
N SER A 145 1.31 -15.46 -15.69
CA SER A 145 1.08 -16.90 -15.59
C SER A 145 2.31 -17.68 -16.01
N VAL A 146 3.49 -17.25 -15.57
CA VAL A 146 4.73 -17.92 -15.91
C VAL A 146 5.56 -18.12 -14.65
N SER A 147 6.56 -19.00 -14.76
CA SER A 147 7.44 -19.29 -13.64
C SER A 147 8.33 -18.09 -13.33
N GLY A 148 8.85 -18.06 -12.09
CA GLY A 148 9.73 -16.98 -11.69
C GLY A 148 11.01 -16.93 -12.50
N GLY A 149 11.57 -18.10 -12.81
CA GLY A 149 12.77 -18.14 -13.64
C GLY A 149 12.50 -17.71 -15.07
N GLU A 150 11.37 -18.12 -15.64
CA GLU A 150 11.03 -17.74 -17.00
C GLU A 150 10.63 -16.28 -17.10
N ARG A 151 10.02 -15.74 -16.05
CA ARG A 151 9.62 -14.33 -16.08
C ARG A 151 10.83 -13.41 -16.19
N ARG A 152 11.88 -13.68 -15.42
CA ARG A 152 13.07 -12.82 -15.47
C ARG A 152 13.76 -12.89 -16.83
N ARG A 153 13.74 -14.06 -17.48
CA ARG A 153 14.28 -14.16 -18.83
C ARG A 153 13.48 -13.33 -19.82
N ALA A 154 12.18 -13.16 -19.57
CA ALA A 154 11.37 -12.28 -20.42
C ALA A 154 11.62 -10.81 -20.15
N GLU A 155 12.01 -10.45 -18.92
CA GLU A 155 12.32 -9.06 -18.61
C GLU A 155 13.67 -8.63 -19.18
N ILE A 156 14.61 -9.57 -19.34
CA ILE A 156 15.89 -9.24 -19.94
C ILE A 156 15.79 -9.18 -21.46
N ALA A 157 14.99 -10.07 -22.05
CA ALA A 157 14.71 -9.99 -23.48
C ALA A 157 13.98 -8.70 -23.81
N ARG A 158 13.05 -8.28 -22.96
CA ARG A 158 12.36 -7.01 -23.16
C ARG A 158 13.33 -5.83 -23.05
N ALA A 159 14.27 -5.90 -22.09
CA ALA A 159 15.24 -4.82 -21.94
C ALA A 159 16.14 -4.69 -23.15
N LEU A 160 16.56 -5.82 -23.72
CA LEU A 160 17.39 -5.79 -24.92
C LEU A 160 16.64 -5.28 -26.15
N ALA A 161 15.30 -5.32 -26.14
CA ALA A 161 14.55 -4.79 -27.27
C ALA A 161 14.74 -3.28 -27.42
N ALA A 162 14.96 -2.57 -26.31
CA ALA A 162 15.25 -1.15 -26.37
C ALA A 162 16.67 -0.86 -26.85
N ASP A 163 17.49 -1.89 -27.05
CA ASP A 163 18.87 -1.79 -27.49
C ASP A 163 19.67 -0.84 -26.59
N PRO A 164 19.95 -1.25 -25.35
CA PRO A 164 20.74 -0.40 -24.46
C PRO A 164 22.23 -0.65 -24.63
N LYS A 165 23.01 0.37 -24.26
CA LYS A 165 24.46 0.25 -24.22
C LYS A 165 25.00 -0.05 -22.83
N PHE A 166 24.29 0.36 -21.78
CA PHE A 166 24.62 0.01 -20.41
C PHE A 166 23.36 -0.46 -19.71
N MET A 167 23.42 -1.63 -19.08
CA MET A 167 22.29 -2.19 -18.35
C MET A 167 22.59 -2.12 -16.85
N LEU A 168 21.71 -1.48 -16.09
CA LEU A 168 21.88 -1.31 -14.66
C LEU A 168 20.96 -2.30 -13.96
N LEU A 169 21.51 -3.45 -13.57
CA LEU A 169 20.74 -4.50 -12.94
C LEU A 169 20.61 -4.24 -11.45
N ASP A 170 19.39 -4.25 -10.93
CA ASP A 170 19.13 -4.06 -9.50
C ASP A 170 18.79 -5.41 -8.90
N GLU A 171 19.66 -5.89 -8.02
CA GLU A 171 19.49 -7.16 -7.32
C GLU A 171 19.14 -8.31 -8.27
N PRO A 172 20.01 -8.62 -9.23
CA PRO A 172 19.71 -9.76 -10.11
C PRO A 172 19.61 -11.09 -9.40
N PHE A 173 20.42 -11.30 -8.36
CA PHE A 173 20.38 -12.54 -7.59
C PHE A 173 19.53 -12.35 -6.33
N ALA A 174 18.27 -11.99 -6.54
CA ALA A 174 17.32 -11.78 -5.47
C ALA A 174 16.26 -12.87 -5.54
N GLY A 175 16.09 -13.62 -4.45
CA GLY A 175 15.13 -14.72 -4.44
C GLY A 175 15.42 -15.77 -5.49
N VAL A 176 16.69 -16.13 -5.66
CA VAL A 176 17.11 -17.04 -6.72
C VAL A 176 17.75 -18.26 -6.07
N ASP A 177 17.26 -19.44 -6.43
CA ASP A 177 17.81 -20.67 -5.88
C ASP A 177 19.21 -20.91 -6.42
N PRO A 178 20.05 -21.64 -5.67
CA PRO A 178 21.40 -21.93 -6.16
C PRO A 178 21.43 -22.69 -7.49
N ILE A 179 20.38 -23.46 -7.78
CA ILE A 179 20.30 -24.12 -9.09
C ILE A 179 20.18 -23.09 -10.21
N SER A 180 19.44 -22.01 -9.98
CA SER A 180 19.17 -21.03 -11.01
C SER A 180 20.07 -19.79 -10.91
N VAL A 181 21.00 -19.76 -9.95
CA VAL A 181 22.00 -18.69 -9.94
C VAL A 181 22.90 -18.78 -11.16
N GLY A 182 23.34 -19.99 -11.50
CA GLY A 182 24.18 -20.16 -12.67
C GLY A 182 23.52 -19.77 -13.97
N ASP A 183 22.19 -19.92 -14.05
CA ASP A 183 21.47 -19.49 -15.24
C ASP A 183 21.57 -17.98 -15.44
N ILE A 184 21.46 -17.22 -14.34
CA ILE A 184 21.62 -15.77 -14.44
C ILE A 184 23.06 -15.41 -14.76
N LYS A 185 24.03 -16.19 -14.28
CA LYS A 185 25.43 -15.91 -14.61
C LYS A 185 25.67 -15.97 -16.12
N ASP A 186 25.08 -16.97 -16.79
CA ASP A 186 25.22 -17.06 -18.24
C ASP A 186 24.55 -15.88 -18.93
N ILE A 187 23.41 -15.44 -18.40
CA ILE A 187 22.71 -14.30 -18.99
C ILE A 187 23.57 -13.04 -18.88
N ILE A 188 24.12 -12.77 -17.70
CA ILE A 188 24.93 -11.59 -17.51
C ILE A 188 26.23 -11.70 -18.31
N ARG A 189 26.79 -12.90 -18.40
CA ARG A 189 27.95 -13.11 -19.25
C ARG A 189 27.60 -12.90 -20.72
N ASN A 190 26.39 -13.31 -21.13
CA ASN A 190 25.96 -13.08 -22.49
C ASN A 190 25.76 -11.60 -22.78
N LEU A 191 25.28 -10.85 -21.79
CA LEU A 191 25.12 -9.40 -21.96
C LEU A 191 26.47 -8.74 -22.19
N LYS A 192 27.50 -9.16 -21.45
CA LYS A 192 28.85 -8.66 -21.68
C LYS A 192 29.34 -9.06 -23.07
N ASP A 193 29.08 -10.30 -23.49
CA ASP A 193 29.48 -10.75 -24.81
C ASP A 193 28.71 -10.04 -25.93
N ARG A 194 27.61 -9.35 -25.60
CA ARG A 194 26.86 -8.56 -26.56
C ARG A 194 27.38 -7.14 -26.70
N GLY A 195 28.47 -6.80 -26.01
CA GLY A 195 29.00 -5.45 -26.04
C GLY A 195 28.27 -4.47 -25.16
N ILE A 196 27.49 -4.95 -24.19
CA ILE A 196 26.69 -4.11 -23.32
C ILE A 196 27.30 -4.16 -21.92
N GLY A 197 27.71 -3.00 -21.41
CA GLY A 197 28.17 -2.93 -20.03
C GLY A 197 27.04 -3.19 -19.06
N VAL A 198 27.36 -3.87 -17.97
CA VAL A 198 26.37 -4.25 -16.96
C VAL A 198 26.84 -3.73 -15.61
N LEU A 199 25.98 -2.96 -14.95
CA LEU A 199 26.22 -2.49 -13.59
C LEU A 199 25.30 -3.25 -12.65
N ILE A 200 25.88 -3.92 -11.66
CA ILE A 200 25.14 -4.81 -10.76
C ILE A 200 25.28 -4.29 -9.34
N THR A 201 24.13 -4.06 -8.68
CA THR A 201 24.09 -3.85 -7.24
C THR A 201 23.30 -5.00 -6.62
N ASP A 202 23.86 -5.61 -5.58
CA ASP A 202 23.28 -6.82 -5.03
C ASP A 202 23.79 -7.02 -3.60
N HIS A 203 22.92 -7.56 -2.75
CA HIS A 203 23.32 -7.93 -1.41
C HIS A 203 24.15 -9.21 -1.40
N ASN A 204 23.91 -10.12 -2.35
CA ASN A 204 24.65 -11.37 -2.45
C ASN A 204 26.02 -11.09 -3.07
N VAL A 205 26.95 -10.66 -2.22
CA VAL A 205 28.26 -10.25 -2.69
C VAL A 205 29.07 -11.46 -3.17
N ARG A 206 28.85 -12.63 -2.58
CA ARG A 206 29.65 -13.80 -2.93
C ARG A 206 29.46 -14.20 -4.39
N GLU A 207 28.22 -14.17 -4.88
CA GLU A 207 27.96 -14.54 -6.27
C GLU A 207 28.14 -13.38 -7.24
N THR A 208 27.95 -12.14 -6.79
CA THR A 208 28.19 -10.99 -7.64
C THR A 208 29.67 -10.85 -7.99
N LEU A 209 30.55 -11.16 -7.03
CA LEU A 209 31.99 -11.09 -7.25
C LEU A 209 32.51 -12.17 -8.19
N ALA A 210 31.68 -13.15 -8.55
CA ALA A 210 32.13 -14.26 -9.40
C ALA A 210 32.01 -13.96 -10.89
N ILE A 211 31.39 -12.85 -11.28
CA ILE A 211 31.23 -12.54 -12.69
C ILE A 211 31.80 -11.16 -13.01
N CYS A 212 31.82 -10.26 -12.02
CA CYS A 212 32.29 -8.90 -12.26
C CYS A 212 33.81 -8.88 -12.31
N GLU A 213 34.35 -8.08 -13.23
CA GLU A 213 35.78 -7.88 -13.34
C GLU A 213 36.26 -6.61 -12.65
N HIS A 214 35.35 -5.81 -12.09
CA HIS A 214 35.73 -4.57 -11.44
C HIS A 214 34.62 -4.20 -10.46
N ALA A 215 34.91 -4.27 -9.17
CA ALA A 215 33.91 -4.07 -8.13
C ALA A 215 34.21 -2.81 -7.32
N TYR A 216 33.15 -2.10 -6.93
CA TYR A 216 33.24 -0.90 -6.13
C TYR A 216 32.52 -1.12 -4.80
N ILE A 217 33.21 -0.87 -3.70
CA ILE A 217 32.66 -1.06 -2.36
C ILE A 217 32.32 0.31 -1.81
N VAL A 218 31.02 0.55 -1.56
CA VAL A 218 30.53 1.83 -1.11
C VAL A 218 30.20 1.70 0.38
N SER A 219 31.02 2.31 1.22
CA SER A 219 30.84 2.29 2.66
C SER A 219 30.72 3.73 3.17
N GLU A 220 29.93 3.89 4.24
CA GLU A 220 29.63 5.16 4.89
C GLU A 220 29.35 6.28 3.89
N GLY A 221 28.78 5.93 2.73
CA GLY A 221 28.41 6.90 1.73
C GLY A 221 29.48 7.23 0.71
N ALA A 222 30.66 6.64 0.79
CA ALA A 222 31.75 6.94 -0.12
C ALA A 222 32.38 5.65 -0.63
N VAL A 223 33.01 5.74 -1.80
CA VAL A 223 33.69 4.60 -2.39
C VAL A 223 35.01 4.40 -1.68
N ILE A 224 35.18 3.23 -1.06
CA ILE A 224 36.39 2.93 -0.30
C ILE A 224 37.27 1.89 -0.98
N ALA A 225 36.81 1.27 -2.07
CA ALA A 225 37.62 0.27 -2.76
C ALA A 225 37.29 0.29 -4.25
N GLU A 226 38.24 -0.22 -5.04
CA GLU A 226 38.13 -0.22 -6.49
C GLU A 226 39.15 -1.16 -7.09
N GLY A 227 38.74 -1.99 -8.05
CA GLY A 227 39.62 -2.89 -8.73
C GLY A 227 38.96 -4.24 -8.91
N SER A 228 39.77 -5.23 -9.29
CA SER A 228 39.28 -6.58 -9.52
C SER A 228 38.82 -7.21 -8.21
N PRO A 229 37.96 -8.24 -8.28
CA PRO A 229 37.52 -8.91 -7.05
C PRO A 229 38.65 -9.47 -6.21
N GLN A 230 39.74 -9.91 -6.84
CA GLN A 230 40.90 -10.36 -6.08
C GLN A 230 41.48 -9.23 -5.23
N ASP A 231 41.56 -8.02 -5.80
CA ASP A 231 42.06 -6.88 -5.04
C ASP A 231 41.09 -6.47 -3.94
N ILE A 232 39.79 -6.64 -4.17
CA ILE A 232 38.79 -6.30 -3.15
C ILE A 232 38.94 -7.24 -1.95
N LEU A 233 39.13 -8.53 -2.19
CA LEU A 233 39.22 -9.48 -1.08
C LEU A 233 40.46 -9.22 -0.23
N GLU A 234 41.59 -8.89 -0.86
CA GLU A 234 42.81 -8.61 -0.13
C GLU A 234 42.82 -7.24 0.53
N ASN A 235 41.83 -6.40 0.23
CA ASN A 235 41.77 -5.06 0.82
C ASN A 235 41.42 -5.17 2.29
N GLU A 236 42.29 -4.62 3.15
CA GLU A 236 42.05 -4.69 4.59
C GLU A 236 40.96 -3.73 5.04
N GLN A 237 40.66 -2.69 4.26
CA GLN A 237 39.60 -1.77 4.64
C GLN A 237 38.22 -2.38 4.40
N VAL A 238 38.06 -3.15 3.33
CA VAL A 238 36.78 -3.80 3.07
C VAL A 238 36.52 -4.91 4.08
N ARG A 239 37.55 -5.72 4.36
CA ARG A 239 37.39 -6.84 5.27
C ARG A 239 37.15 -6.42 6.71
N LYS A 240 37.37 -5.14 7.03
CA LYS A 240 37.09 -4.64 8.38
C LYS A 240 35.66 -4.15 8.53
N VAL A 241 35.04 -3.66 7.46
CA VAL A 241 33.71 -3.08 7.53
C VAL A 241 32.64 -3.91 6.83
N TYR A 242 32.98 -4.59 5.73
CA TYR A 242 31.97 -5.26 4.91
C TYR A 242 32.13 -6.78 4.92
N LEU A 243 33.30 -7.29 4.54
CA LEU A 243 33.43 -8.72 4.27
C LEU A 243 33.76 -9.54 5.52
N GLY A 244 34.41 -8.95 6.51
CA GLY A 244 34.77 -9.66 7.71
C GLY A 244 36.11 -10.37 7.57
N ASP A 245 36.59 -10.88 8.71
CA ASP A 245 37.89 -11.54 8.73
C ASP A 245 37.88 -12.82 7.89
N ASP A 246 36.81 -13.60 7.98
CA ASP A 246 36.68 -14.88 7.28
C ASP A 246 35.65 -14.72 6.18
N PHE A 247 36.12 -14.72 4.93
CA PHE A 247 35.22 -14.58 3.78
C PHE A 247 35.94 -15.08 2.54
N THR A 248 35.21 -15.80 1.69
CA THR A 248 35.76 -16.31 0.44
C THR A 248 34.67 -16.47 -0.61
N GLN B 10 11.25 -31.82 24.69
CA GLN B 10 10.01 -31.51 23.98
C GLN B 10 10.18 -31.70 22.48
N THR B 11 9.17 -32.28 21.84
CA THR B 11 9.19 -32.58 20.41
C THR B 11 7.99 -31.93 19.73
N LEU B 12 8.25 -31.22 18.63
CA LEU B 12 7.19 -30.58 17.85
C LEU B 12 6.90 -31.43 16.62
N CYS B 13 6.07 -32.46 16.82
CA CYS B 13 5.69 -33.33 15.71
C CYS B 13 4.77 -32.57 14.76
N ILE B 14 5.11 -32.60 13.47
CA ILE B 14 4.33 -31.95 12.42
C ILE B 14 4.12 -32.96 11.31
N LYS B 15 2.86 -33.26 10.99
CA LYS B 15 2.52 -34.35 10.10
C LYS B 15 1.58 -33.88 8.99
N HIS B 16 1.96 -34.17 7.74
CA HIS B 16 1.06 -34.09 6.59
C HIS B 16 0.42 -32.70 6.43
N LEU B 17 1.26 -31.66 6.45
CA LEU B 17 0.77 -30.33 6.17
C LEU B 17 0.29 -30.22 4.74
N ALA B 18 -0.72 -29.37 4.52
CA ALA B 18 -1.25 -29.18 3.17
C ALA B 18 -2.00 -27.86 3.11
N LYS B 19 -1.86 -27.16 1.98
CA LYS B 19 -2.50 -25.87 1.77
C LYS B 19 -2.56 -25.60 0.27
N ASN B 20 -3.68 -25.06 -0.18
CA ASN B 20 -3.88 -24.71 -1.58
C ASN B 20 -4.16 -23.22 -1.75
N TYR B 21 -3.74 -22.69 -2.88
CA TYR B 21 -3.94 -21.28 -3.22
C TYR B 21 -4.37 -21.20 -4.68
N SER B 22 -5.51 -20.57 -4.93
CA SER B 22 -6.10 -20.49 -6.27
C SER B 22 -6.27 -21.88 -6.86
N LYS B 23 -6.76 -22.81 -6.04
CA LYS B 23 -7.02 -24.19 -6.45
C LYS B 23 -5.74 -24.90 -6.90
N ARG B 24 -4.60 -24.48 -6.37
CA ARG B 24 -3.32 -25.13 -6.61
C ARG B 24 -2.67 -25.43 -5.27
N TRP B 25 -2.34 -26.70 -5.03
CA TRP B 25 -1.78 -27.13 -3.76
C TRP B 25 -0.31 -26.74 -3.71
N VAL B 26 -0.01 -25.61 -3.06
CA VAL B 26 1.37 -25.17 -2.92
C VAL B 26 2.15 -26.10 -1.99
N VAL B 27 1.49 -26.63 -0.96
CA VAL B 27 2.12 -27.53 0.01
C VAL B 27 1.36 -28.86 -0.01
N LYS B 28 2.09 -29.95 -0.19
CA LYS B 28 1.51 -31.29 -0.27
C LYS B 28 2.30 -32.25 0.61
N ASP B 29 1.76 -32.56 1.79
CA ASP B 29 2.32 -33.55 2.69
C ASP B 29 3.75 -33.20 3.13
N VAL B 30 3.88 -32.06 3.79
CA VAL B 30 5.13 -31.65 4.41
C VAL B 30 5.09 -32.08 5.88
N SER B 31 6.04 -32.91 6.28
CA SER B 31 6.09 -33.43 7.64
C SER B 31 7.53 -33.45 8.14
N PHE B 32 7.76 -32.86 9.31
CA PHE B 32 9.08 -32.86 9.92
C PHE B 32 8.92 -32.76 11.43
N GLU B 33 9.96 -33.18 12.14
CA GLU B 33 9.96 -33.20 13.60
C GLU B 33 11.12 -32.36 14.13
N MET B 34 10.84 -31.59 15.18
CA MET B 34 11.82 -30.71 15.80
C MET B 34 11.82 -30.95 17.31
N GLN B 35 13.01 -30.90 17.91
CA GLN B 35 13.17 -31.07 19.34
C GLN B 35 13.70 -29.80 19.98
N SER B 36 13.41 -29.63 21.27
CA SER B 36 13.86 -28.47 22.00
C SER B 36 15.38 -28.46 22.12
N GLY B 37 15.95 -27.26 22.11
CA GLY B 37 17.40 -27.11 22.16
C GLY B 37 18.10 -27.65 20.93
N GLN B 38 17.55 -27.40 19.75
CA GLN B 38 18.11 -27.92 18.51
C GLN B 38 17.69 -26.99 17.38
N ILE B 39 18.64 -26.65 16.52
CA ILE B 39 18.39 -25.75 15.39
C ILE B 39 18.04 -26.59 14.17
N VAL B 40 16.88 -26.35 13.59
CA VAL B 40 16.39 -27.07 12.42
C VAL B 40 16.08 -26.05 11.34
N GLY B 41 16.70 -26.21 10.17
CA GLY B 41 16.50 -25.31 9.06
C GLY B 41 15.49 -25.86 8.07
N LEU B 42 14.44 -25.07 7.84
CA LEU B 42 13.40 -25.43 6.86
C LEU B 42 13.72 -24.70 5.57
N LEU B 43 14.40 -25.39 4.66
CA LEU B 43 14.96 -24.82 3.45
C LEU B 43 14.25 -25.38 2.22
N GLY B 44 14.60 -24.83 1.06
CA GLY B 44 14.05 -25.28 -0.20
C GLY B 44 14.01 -24.18 -1.24
N PRO B 45 13.65 -24.54 -2.47
CA PRO B 45 13.53 -23.53 -3.53
C PRO B 45 12.46 -22.51 -3.23
N ASN B 46 12.68 -21.29 -3.71
CA ASN B 46 11.72 -20.21 -3.50
C ASN B 46 10.40 -20.53 -4.17
N GLY B 47 9.31 -20.35 -3.43
CA GLY B 47 7.98 -20.62 -3.95
C GLY B 47 7.58 -22.07 -3.98
N ALA B 48 8.43 -22.98 -3.50
CA ALA B 48 8.13 -24.40 -3.52
C ALA B 48 7.39 -24.87 -2.27
N GLY B 49 7.08 -23.95 -1.36
CA GLY B 49 6.33 -24.29 -0.16
C GLY B 49 7.10 -24.20 1.14
N LYS B 50 8.35 -23.73 1.12
CA LYS B 50 9.08 -23.56 2.37
C LYS B 50 8.53 -22.41 3.19
N THR B 51 8.10 -21.33 2.54
CA THR B 51 7.53 -20.21 3.26
C THR B 51 6.11 -20.52 3.75
N THR B 52 5.30 -21.13 2.90
CA THR B 52 3.92 -21.43 3.28
C THR B 52 3.86 -22.47 4.39
N SER B 53 4.70 -23.51 4.31
CA SER B 53 4.75 -24.49 5.39
C SER B 53 5.28 -23.89 6.67
N PHE B 54 6.18 -22.91 6.58
CA PHE B 54 6.65 -22.23 7.78
C PHE B 54 5.54 -21.42 8.43
N TYR B 55 4.72 -20.73 7.64
CA TYR B 55 3.69 -19.86 8.20
C TYR B 55 2.56 -20.67 8.83
N MET B 56 2.31 -21.88 8.34
CA MET B 56 1.28 -22.71 8.93
C MET B 56 1.70 -23.28 10.28
N VAL B 57 3.00 -23.39 10.54
CA VAL B 57 3.45 -23.72 11.89
C VAL B 57 3.20 -22.56 12.84
N VAL B 58 3.51 -21.34 12.40
CA VAL B 58 3.27 -20.16 13.23
C VAL B 58 1.78 -19.96 13.46
N GLY B 59 1.00 -19.96 12.38
CA GLY B 59 -0.44 -19.76 12.50
C GLY B 59 -1.00 -18.65 11.62
N LEU B 60 -0.14 -17.96 10.88
CA LEU B 60 -0.62 -16.91 9.99
C LEU B 60 -1.54 -17.48 8.91
N VAL B 61 -1.15 -18.61 8.33
CA VAL B 61 -1.90 -19.23 7.24
C VAL B 61 -2.67 -20.41 7.82
N ARG B 62 -4.00 -20.40 7.63
CA ARG B 62 -4.83 -21.45 8.18
C ARG B 62 -4.53 -22.79 7.49
N MET B 63 -4.53 -23.85 8.29
CA MET B 63 -4.15 -25.17 7.81
C MET B 63 -5.34 -25.84 7.14
N ASP B 64 -5.21 -26.15 5.85
CA ASP B 64 -6.25 -26.90 5.16
C ASP B 64 -6.26 -28.35 5.62
N LYS B 65 -5.08 -28.97 5.72
CA LYS B 65 -4.94 -30.32 6.21
C LYS B 65 -3.63 -30.42 6.99
N GLY B 66 -3.63 -31.24 8.03
CA GLY B 66 -2.42 -31.45 8.79
C GLY B 66 -2.61 -31.59 10.29
N GLU B 67 -1.54 -31.98 10.98
CA GLU B 67 -1.57 -32.16 12.43
C GLU B 67 -0.27 -31.63 13.00
N ILE B 68 -0.38 -30.72 13.96
CA ILE B 68 0.78 -30.14 14.65
C ILE B 68 0.69 -30.50 16.12
N HIS B 69 1.67 -31.25 16.60
CA HIS B 69 1.69 -31.72 17.98
C HIS B 69 2.92 -31.17 18.70
N LEU B 70 2.75 -30.90 20.00
CA LEU B 70 3.84 -30.43 20.86
C LEU B 70 3.70 -31.20 22.17
N ASP B 71 4.38 -32.35 22.24
CA ASP B 71 4.28 -33.26 23.39
C ASP B 71 2.82 -33.67 23.61
N ASN B 72 2.35 -34.49 22.67
CA ASN B 72 0.99 -35.03 22.54
C ASN B 72 -0.07 -34.01 22.97
N LEU B 73 0.12 -32.76 22.55
CA LEU B 73 -0.85 -31.69 22.75
C LEU B 73 -1.16 -31.08 21.39
N ASP B 74 -2.38 -31.28 20.90
CA ASP B 74 -2.71 -30.89 19.54
C ASP B 74 -2.88 -29.38 19.45
N LEU B 75 -2.00 -28.74 18.67
CA LEU B 75 -2.09 -27.32 18.37
C LEU B 75 -2.72 -27.04 17.01
N SER B 76 -3.31 -28.06 16.37
CA SER B 76 -3.84 -27.90 15.02
C SER B 76 -4.98 -26.88 14.99
N ASP B 77 -5.90 -26.99 15.94
CA ASP B 77 -7.09 -26.14 15.94
C ASP B 77 -6.85 -24.78 16.57
N LEU B 78 -5.74 -24.59 17.30
CA LEU B 78 -5.51 -23.33 17.98
C LEU B 78 -5.13 -22.24 17.00
N ALA B 79 -5.43 -20.99 17.38
CA ALA B 79 -5.12 -19.83 16.56
C ALA B 79 -3.66 -19.43 16.76
N MET B 80 -3.29 -18.26 16.24
CA MET B 80 -1.92 -17.76 16.39
C MET B 80 -1.58 -17.52 17.84
N HIS B 81 -2.48 -16.87 18.58
CA HIS B 81 -2.17 -16.50 19.97
C HIS B 81 -2.27 -17.70 20.90
N GLU B 82 -3.17 -18.64 20.63
CA GLU B 82 -3.29 -19.82 21.48
C GLU B 82 -2.07 -20.73 21.34
N ARG B 83 -1.42 -20.73 20.18
CA ARG B 83 -0.14 -21.45 20.06
C ARG B 83 0.99 -20.69 20.76
N ALA B 84 0.98 -19.36 20.66
CA ALA B 84 2.06 -18.58 21.27
C ALA B 84 2.07 -18.72 22.78
N ARG B 85 0.90 -18.93 23.39
CA ARG B 85 0.84 -19.17 24.84
C ARG B 85 1.34 -20.56 25.20
N LYS B 86 1.43 -21.48 24.23
CA LYS B 86 1.97 -22.80 24.49
C LYS B 86 3.49 -22.87 24.35
N GLY B 87 4.13 -21.83 23.82
CA GLY B 87 5.58 -21.79 23.77
C GLY B 87 6.16 -21.73 22.38
N ILE B 88 5.44 -21.15 21.43
CA ILE B 88 5.90 -20.99 20.05
C ILE B 88 6.11 -19.50 19.79
N GLY B 89 7.33 -19.15 19.38
CA GLY B 89 7.66 -17.76 19.11
C GLY B 89 7.80 -17.48 17.63
N TYR B 90 7.66 -16.22 17.23
CA TYR B 90 7.77 -15.82 15.84
C TYR B 90 8.55 -14.51 15.75
N LEU B 91 9.54 -14.48 14.87
CA LEU B 91 10.34 -13.27 14.63
C LEU B 91 10.19 -12.84 13.18
N PRO B 92 9.38 -11.82 12.90
CA PRO B 92 9.13 -11.44 11.50
C PRO B 92 10.41 -10.96 10.82
N GLN B 93 10.50 -11.22 9.52
CA GLN B 93 11.64 -10.74 8.75
C GLN B 93 11.68 -9.22 8.71
N GLU B 94 10.53 -8.58 8.49
CA GLU B 94 10.48 -7.14 8.44
C GLU B 94 10.64 -6.54 9.84
N ALA B 95 10.86 -5.23 9.90
CA ALA B 95 11.00 -4.54 11.18
C ALA B 95 9.67 -4.59 11.93
N SER B 96 9.69 -5.22 13.10
CA SER B 96 8.49 -5.43 13.89
C SER B 96 8.61 -4.83 15.29
N ILE B 97 9.58 -3.93 15.50
CA ILE B 97 9.73 -3.28 16.79
C ILE B 97 8.61 -2.27 16.99
N PHE B 98 8.20 -2.09 18.24
CA PHE B 98 7.22 -1.07 18.58
C PHE B 98 7.86 0.31 18.42
N ARG B 99 7.45 1.03 17.38
CA ARG B 99 8.16 2.22 16.96
C ARG B 99 8.15 3.29 18.05
N LYS B 100 7.00 3.51 18.68
CA LYS B 100 6.86 4.61 19.63
C LYS B 100 7.20 4.20 21.06
N LEU B 101 7.65 2.97 21.27
CA LEU B 101 8.05 2.49 22.59
C LEU B 101 9.56 2.32 22.64
N THR B 102 10.15 2.68 23.76
CA THR B 102 11.59 2.54 23.93
C THR B 102 11.99 1.07 23.91
N ILE B 103 13.29 0.83 23.71
CA ILE B 103 13.79 -0.54 23.64
C ILE B 103 13.54 -1.27 24.95
N ALA B 104 13.75 -0.61 26.08
CA ALA B 104 13.46 -1.21 27.38
C ALA B 104 11.96 -1.44 27.57
N GLU B 105 11.13 -0.57 26.99
CA GLU B 105 9.68 -0.76 27.10
C GLU B 105 9.18 -1.90 26.21
N ASN B 106 9.87 -2.16 25.10
CA ASN B 106 9.50 -3.29 24.25
C ASN B 106 9.63 -4.61 25.00
N ILE B 107 10.77 -4.82 25.67
CA ILE B 107 10.95 -6.04 26.45
C ILE B 107 10.02 -6.06 27.65
N MET B 108 9.83 -4.91 28.31
CA MET B 108 8.95 -4.86 29.46
C MET B 108 7.49 -5.04 29.05
N ALA B 109 7.14 -4.68 27.82
CA ALA B 109 5.76 -4.86 27.35
C ALA B 109 5.37 -6.33 27.33
N ILE B 110 6.27 -7.21 26.89
CA ILE B 110 5.98 -8.63 26.85
C ILE B 110 6.22 -9.31 28.20
N LEU B 111 7.08 -8.74 29.03
CA LEU B 111 7.33 -9.34 30.35
C LEU B 111 6.09 -9.27 31.24
N GLU B 112 5.29 -8.21 31.11
CA GLU B 112 4.05 -8.13 31.89
C GLU B 112 3.04 -9.19 31.46
N THR B 113 3.14 -9.71 30.24
CA THR B 113 2.24 -10.78 29.81
C THR B 113 2.49 -12.05 30.62
N ARG B 114 3.71 -12.27 31.07
CA ARG B 114 4.02 -13.46 31.87
C ARG B 114 3.23 -13.45 33.16
N LYS B 115 2.61 -14.59 33.49
CA LYS B 115 1.81 -14.71 34.69
C LYS B 115 2.62 -15.14 35.90
N ASP B 116 3.65 -15.96 35.70
CA ASP B 116 4.48 -16.46 36.80
C ASP B 116 5.61 -15.49 37.18
N LEU B 117 5.52 -14.22 36.81
CA LEU B 117 6.50 -13.21 37.21
C LEU B 117 5.78 -12.05 37.90
N ASN B 118 6.30 -11.67 39.06
CA ASN B 118 5.81 -10.51 39.79
C ASN B 118 6.63 -9.27 39.43
N LYS B 119 6.19 -8.12 39.94
CA LYS B 119 6.85 -6.86 39.59
C LYS B 119 8.31 -6.83 40.03
N GLN B 120 8.64 -7.55 41.11
CA GLN B 120 10.01 -7.53 41.62
C GLN B 120 10.96 -8.22 40.66
N GLN B 121 10.61 -9.42 40.19
CA GLN B 121 11.48 -10.18 39.30
C GLN B 121 11.32 -9.80 37.84
N ARG B 122 10.26 -9.07 37.48
CA ARG B 122 10.13 -8.57 36.12
C ARG B 122 11.23 -7.57 35.78
N GLN B 123 11.56 -6.69 36.72
CA GLN B 123 12.64 -5.74 36.48
C GLN B 123 14.00 -6.44 36.45
N GLN B 124 14.18 -7.46 37.29
CA GLN B 124 15.40 -8.24 37.26
C GLN B 124 15.54 -9.00 35.94
N ARG B 125 14.45 -9.59 35.46
CA ARG B 125 14.49 -10.30 34.19
C ARG B 125 14.75 -9.35 33.03
N LEU B 126 14.16 -8.15 33.08
CA LEU B 126 14.41 -7.15 32.04
C LEU B 126 15.87 -6.72 32.03
N GLN B 127 16.49 -6.58 33.20
CA GLN B 127 17.88 -6.12 33.27
C GLN B 127 18.83 -7.13 32.63
N GLU B 128 18.63 -8.41 32.89
CA GLU B 128 19.53 -9.42 32.32
C GLU B 128 19.27 -9.67 30.84
N LEU B 129 18.02 -9.52 30.40
CA LEU B 129 17.73 -9.62 28.97
C LEU B 129 18.40 -8.51 28.19
N LEU B 130 18.42 -7.29 28.74
CA LEU B 130 19.13 -6.19 28.10
C LEU B 130 20.64 -6.46 28.06
N ASN B 131 21.19 -7.03 29.14
CA ASN B 131 22.62 -7.31 29.17
C ASN B 131 22.99 -8.47 28.27
N ASP B 132 22.10 -9.45 28.12
CA ASP B 132 22.40 -10.61 27.29
C ASP B 132 22.63 -10.22 25.83
N PHE B 133 21.79 -9.33 25.30
CA PHE B 133 21.88 -8.92 23.91
C PHE B 133 22.61 -7.61 23.72
N LYS B 134 23.18 -7.04 24.78
CA LYS B 134 24.00 -5.83 24.71
C LYS B 134 23.23 -4.66 24.07
N ILE B 135 22.00 -4.46 24.52
CA ILE B 135 21.20 -3.33 24.09
C ILE B 135 20.93 -2.36 25.24
N THR B 136 21.75 -2.41 26.30
CA THR B 136 21.55 -1.53 27.43
C THR B 136 21.77 -0.06 27.06
N HIS B 137 22.77 0.20 26.20
CA HIS B 137 23.09 1.57 25.83
C HIS B 137 21.99 2.25 25.02
N ILE B 138 21.07 1.49 24.45
CA ILE B 138 19.96 2.06 23.69
C ILE B 138 18.62 1.77 24.36
N LYS B 139 18.64 1.41 25.65
CA LYS B 139 17.40 1.07 26.35
C LYS B 139 16.45 2.25 26.45
N ASP B 140 16.94 3.48 26.34
CA ASP B 140 16.10 4.67 26.45
C ASP B 140 15.79 5.31 25.11
N SER B 141 16.35 4.79 24.02
CA SER B 141 16.09 5.35 22.69
C SER B 141 14.87 4.69 22.06
N LEU B 142 14.15 5.49 21.27
CA LEU B 142 12.94 4.99 20.61
C LEU B 142 13.29 3.87 19.62
N GLY B 143 12.37 2.92 19.50
CA GLY B 143 12.59 1.80 18.60
C GLY B 143 12.71 2.18 17.14
N MET B 144 12.20 3.36 16.76
CA MET B 144 12.29 3.83 15.38
C MET B 144 13.62 4.49 15.06
N SER B 145 14.48 4.69 16.06
CA SER B 145 15.73 5.42 15.85
C SER B 145 16.93 4.60 16.28
N VAL B 146 16.97 3.32 15.90
CA VAL B 146 18.09 2.45 16.20
C VAL B 146 18.52 1.74 14.93
N SER B 147 19.77 1.26 14.94
CA SER B 147 20.34 0.59 13.80
C SER B 147 19.64 -0.74 13.52
N GLY B 148 19.71 -1.18 12.27
CA GLY B 148 19.10 -2.45 11.90
C GLY B 148 19.66 -3.62 12.67
N GLY B 149 20.98 -3.64 12.89
CA GLY B 149 21.57 -4.67 13.72
C GLY B 149 21.15 -4.56 15.17
N GLU B 150 21.05 -3.34 15.69
CA GLU B 150 20.63 -3.15 17.08
C GLU B 150 19.14 -3.44 17.25
N ARG B 151 18.32 -3.05 16.28
CA ARG B 151 16.89 -3.31 16.37
C ARG B 151 16.59 -4.80 16.36
N ARG B 152 17.27 -5.56 15.49
CA ARG B 152 17.02 -6.99 15.41
C ARG B 152 17.38 -7.70 16.70
N ARG B 153 18.40 -7.22 17.41
CA ARG B 153 18.70 -7.78 18.73
C ARG B 153 17.60 -7.48 19.74
N ALA B 154 16.94 -6.32 19.61
CA ALA B 154 15.83 -6.01 20.50
C ALA B 154 14.56 -6.78 20.16
N GLU B 155 14.39 -7.18 18.90
CA GLU B 155 13.23 -8.00 18.55
C GLU B 155 13.37 -9.43 19.08
N ILE B 156 14.58 -9.97 19.04
CA ILE B 156 14.81 -11.30 19.59
C ILE B 156 14.71 -11.28 21.11
N ALA B 157 15.25 -10.22 21.74
CA ALA B 157 15.13 -10.08 23.19
C ALA B 157 13.67 -9.93 23.60
N ARG B 158 12.89 -9.19 22.81
CA ARG B 158 11.45 -9.06 23.09
C ARG B 158 10.74 -10.40 22.97
N ALA B 159 11.10 -11.20 21.97
CA ALA B 159 10.47 -12.50 21.80
C ALA B 159 10.80 -13.44 22.96
N LEU B 160 12.04 -13.36 23.47
CA LEU B 160 12.43 -14.18 24.61
C LEU B 160 11.78 -13.74 25.91
N ALA B 161 11.17 -12.55 25.96
CA ALA B 161 10.46 -12.13 27.17
C ALA B 161 9.23 -12.98 27.42
N ALA B 162 8.64 -13.57 26.38
CA ALA B 162 7.49 -14.44 26.53
C ALA B 162 7.86 -15.86 26.90
N ASP B 163 9.16 -16.16 27.03
CA ASP B 163 9.69 -17.48 27.38
C ASP B 163 9.20 -18.54 26.41
N PRO B 164 9.63 -18.48 25.15
CA PRO B 164 9.18 -19.49 24.18
C PRO B 164 10.02 -20.75 24.26
N LYS B 165 9.39 -21.87 23.90
CA LYS B 165 10.09 -23.14 23.82
C LYS B 165 10.63 -23.43 22.42
N PHE B 166 9.98 -22.89 21.39
CA PHE B 166 10.42 -23.06 20.00
C PHE B 166 10.30 -21.71 19.31
N MET B 167 11.45 -21.13 18.95
CA MET B 167 11.50 -19.83 18.28
C MET B 167 11.61 -20.06 16.77
N LEU B 168 10.54 -19.71 16.06
CA LEU B 168 10.51 -19.85 14.60
C LEU B 168 10.98 -18.55 13.96
N LEU B 169 12.21 -18.54 13.47
CA LEU B 169 12.79 -17.36 12.84
C LEU B 169 12.46 -17.36 11.36
N ASP B 170 11.96 -16.21 10.87
CA ASP B 170 11.63 -16.03 9.47
C ASP B 170 12.67 -15.12 8.84
N GLU B 171 13.48 -15.69 7.93
CA GLU B 171 14.48 -14.95 7.18
C GLU B 171 15.42 -14.17 8.10
N PRO B 172 16.18 -14.85 8.97
CA PRO B 172 17.08 -14.10 9.86
C PRO B 172 18.24 -13.45 9.12
N PHE B 173 18.79 -14.10 8.11
CA PHE B 173 19.87 -13.52 7.31
C PHE B 173 19.33 -12.81 6.07
N ALA B 174 18.40 -11.88 6.29
CA ALA B 174 17.82 -11.09 5.21
C ALA B 174 18.43 -9.70 5.24
N GLY B 175 19.13 -9.34 4.17
CA GLY B 175 19.80 -8.05 4.14
C GLY B 175 20.88 -7.91 5.19
N VAL B 176 21.60 -9.00 5.48
CA VAL B 176 22.65 -9.01 6.50
C VAL B 176 23.99 -9.13 5.78
N ASP B 177 24.87 -8.17 6.03
CA ASP B 177 26.18 -8.15 5.42
C ASP B 177 27.04 -9.30 5.95
N PRO B 178 28.02 -9.74 5.18
CA PRO B 178 28.89 -10.84 5.65
C PRO B 178 29.65 -10.53 6.92
N ILE B 179 29.87 -9.26 7.24
CA ILE B 179 30.53 -8.92 8.49
C ILE B 179 29.65 -9.25 9.69
N SER B 180 28.34 -9.02 9.57
CA SER B 180 27.41 -9.20 10.67
C SER B 180 26.67 -10.53 10.61
N VAL B 181 27.02 -11.41 9.66
CA VAL B 181 26.40 -12.73 9.64
C VAL B 181 26.88 -13.56 10.84
N GLY B 182 28.10 -13.29 11.33
CA GLY B 182 28.56 -13.95 12.53
C GLY B 182 27.80 -13.54 13.77
N ASP B 183 27.36 -12.28 13.83
CA ASP B 183 26.57 -11.83 14.97
C ASP B 183 25.23 -12.56 15.04
N ILE B 184 24.59 -12.77 13.89
CA ILE B 184 23.31 -13.49 13.88
C ILE B 184 23.53 -14.94 14.27
N LYS B 185 24.60 -15.56 13.77
CA LYS B 185 24.90 -16.94 14.13
C LYS B 185 25.18 -17.07 15.62
N ASP B 186 25.89 -16.11 16.20
CA ASP B 186 26.14 -16.13 17.64
C ASP B 186 24.85 -16.00 18.43
N ILE B 187 23.92 -15.17 17.95
CA ILE B 187 22.62 -15.05 18.60
C ILE B 187 21.86 -16.36 18.52
N ILE B 188 21.78 -16.95 17.32
CA ILE B 188 21.03 -18.19 17.12
C ILE B 188 21.65 -19.31 17.95
N ARG B 189 22.98 -19.39 17.99
CA ARG B 189 23.63 -20.36 18.85
C ARG B 189 23.33 -20.11 20.32
N ASN B 190 23.14 -18.86 20.71
CA ASN B 190 22.79 -18.55 22.09
C ASN B 190 21.39 -19.05 22.43
N LEU B 191 20.45 -18.94 21.48
CA LEU B 191 19.11 -19.46 21.70
C LEU B 191 19.13 -20.97 21.91
N LYS B 192 19.95 -21.69 21.13
CA LYS B 192 20.07 -23.13 21.32
C LYS B 192 20.64 -23.46 22.69
N ASP B 193 21.67 -22.72 23.13
CA ASP B 193 22.26 -22.97 24.44
C ASP B 193 21.31 -22.62 25.57
N ARG B 194 20.26 -21.85 25.31
CA ARG B 194 19.27 -21.52 26.32
C ARG B 194 18.16 -22.56 26.42
N GLY B 195 18.21 -23.63 25.63
CA GLY B 195 17.18 -24.65 25.64
C GLY B 195 16.00 -24.38 24.75
N ILE B 196 16.14 -23.50 23.76
CA ILE B 196 15.05 -23.13 22.86
C ILE B 196 15.36 -23.68 21.48
N GLY B 197 14.48 -24.51 20.95
CA GLY B 197 14.62 -24.96 19.58
C GLY B 197 14.34 -23.83 18.60
N VAL B 198 15.11 -23.80 17.53
CA VAL B 198 15.07 -22.73 16.54
C VAL B 198 14.73 -23.34 15.18
N LEU B 199 13.69 -22.81 14.54
CA LEU B 199 13.32 -23.19 13.17
C LEU B 199 13.62 -22.01 12.25
N ILE B 200 14.51 -22.23 11.28
CA ILE B 200 14.99 -21.18 10.39
C ILE B 200 14.52 -21.50 8.98
N THR B 201 13.81 -20.57 8.37
CA THR B 201 13.56 -20.57 6.94
C THR B 201 14.26 -19.38 6.30
N ASP B 202 14.98 -19.63 5.22
CA ASP B 202 15.81 -18.58 4.64
C ASP B 202 16.10 -18.87 3.18
N HIS B 203 16.20 -17.81 2.39
CA HIS B 203 16.67 -17.93 1.01
C HIS B 203 18.18 -18.11 0.95
N ASN B 204 18.90 -17.51 1.90
CA ASN B 204 20.35 -17.65 1.98
C ASN B 204 20.65 -19.03 2.57
N VAL B 205 20.89 -19.99 1.67
CA VAL B 205 21.11 -21.36 2.10
C VAL B 205 22.56 -21.66 2.43
N ARG B 206 23.50 -20.80 2.00
CA ARG B 206 24.90 -21.04 2.29
C ARG B 206 25.19 -20.99 3.79
N GLU B 207 24.61 -20.03 4.50
CA GLU B 207 24.85 -19.88 5.92
C GLU B 207 23.83 -20.59 6.80
N THR B 208 22.61 -20.83 6.30
CA THR B 208 21.64 -21.58 7.07
C THR B 208 22.06 -23.04 7.24
N LEU B 209 22.76 -23.60 6.25
CA LEU B 209 23.30 -24.94 6.34
C LEU B 209 24.61 -24.99 7.13
N ALA B 210 24.96 -23.93 7.86
CA ALA B 210 26.19 -23.91 8.64
C ALA B 210 25.96 -23.92 10.14
N ILE B 211 24.75 -23.61 10.61
CA ILE B 211 24.47 -23.60 12.04
C ILE B 211 23.44 -24.68 12.37
N CYS B 212 22.58 -25.00 11.41
CA CYS B 212 21.52 -25.97 11.66
C CYS B 212 22.09 -27.37 11.80
N GLU B 213 21.55 -28.12 12.76
CA GLU B 213 21.99 -29.49 13.00
C GLU B 213 21.19 -30.52 12.19
N HIS B 214 20.02 -30.14 11.69
CA HIS B 214 19.15 -31.08 10.99
C HIS B 214 18.23 -30.29 10.09
N ALA B 215 18.44 -30.39 8.78
CA ALA B 215 17.76 -29.55 7.80
C ALA B 215 16.75 -30.35 6.99
N TYR B 216 15.64 -29.70 6.65
CA TYR B 216 14.59 -30.29 5.83
C TYR B 216 14.48 -29.49 4.54
N ILE B 217 14.72 -30.14 3.41
CA ILE B 217 14.59 -29.53 2.09
C ILE B 217 13.23 -29.91 1.52
N VAL B 218 12.38 -28.92 1.26
CA VAL B 218 11.06 -29.12 0.71
C VAL B 218 11.03 -28.57 -0.70
N SER B 219 10.68 -29.42 -1.66
CA SER B 219 10.58 -29.03 -3.06
C SER B 219 9.31 -29.61 -3.65
N GLU B 220 8.68 -28.84 -4.54
CA GLU B 220 7.41 -29.22 -5.17
C GLU B 220 6.32 -29.49 -4.13
N GLY B 221 6.40 -28.81 -2.99
CA GLY B 221 5.40 -28.94 -1.95
C GLY B 221 5.57 -30.11 -1.00
N ALA B 222 6.63 -30.90 -1.15
CA ALA B 222 6.84 -32.05 -0.30
C ALA B 222 8.30 -32.12 0.15
N VAL B 223 8.52 -32.78 1.28
CA VAL B 223 9.87 -32.93 1.81
C VAL B 223 10.62 -33.93 0.95
N ILE B 224 11.70 -33.47 0.30
CA ILE B 224 12.47 -34.34 -0.59
C ILE B 224 13.73 -34.90 0.06
N ALA B 225 14.17 -34.34 1.18
CA ALA B 225 15.36 -34.85 1.87
C ALA B 225 15.30 -34.50 3.34
N GLU B 226 16.14 -35.17 4.12
CA GLU B 226 16.13 -35.06 5.57
C GLU B 226 17.47 -35.55 6.10
N GLY B 227 17.97 -34.89 7.13
CA GLY B 227 19.17 -35.32 7.82
C GLY B 227 20.06 -34.13 8.11
N SER B 228 21.31 -34.43 8.45
CA SER B 228 22.27 -33.40 8.77
C SER B 228 22.66 -32.63 7.50
N PRO B 229 23.22 -31.42 7.64
CA PRO B 229 23.65 -30.67 6.45
C PRO B 229 24.65 -31.43 5.58
N GLN B 230 25.50 -32.27 6.19
CA GLN B 230 26.42 -33.08 5.40
C GLN B 230 25.67 -34.03 4.49
N ASP B 231 24.62 -34.67 5.01
CA ASP B 231 23.82 -35.58 4.19
C ASP B 231 23.00 -34.83 3.15
N ILE B 232 22.56 -33.61 3.47
CA ILE B 232 21.80 -32.81 2.52
C ILE B 232 22.64 -32.48 1.30
N LEU B 233 23.90 -32.11 1.51
CA LEU B 233 24.77 -31.74 0.39
C LEU B 233 24.99 -32.92 -0.55
N GLU B 234 25.22 -34.12 0.00
CA GLU B 234 25.42 -35.31 -0.82
C GLU B 234 24.12 -36.05 -1.08
N ASN B 235 23.12 -35.30 -1.57
CA ASN B 235 21.83 -35.87 -1.93
C ASN B 235 21.59 -35.58 -3.40
N GLU B 236 21.38 -36.63 -4.19
CA GLU B 236 21.26 -36.48 -5.64
C GLU B 236 20.05 -35.63 -6.01
N GLN B 237 18.91 -35.87 -5.36
CA GLN B 237 17.70 -35.12 -5.68
C GLN B 237 17.84 -33.65 -5.28
N VAL B 238 18.46 -33.37 -4.13
CA VAL B 238 18.67 -32.00 -3.71
C VAL B 238 19.69 -31.32 -4.62
N ARG B 239 20.78 -32.02 -4.96
CA ARG B 239 21.77 -31.45 -5.86
C ARG B 239 21.19 -31.15 -7.22
N LYS B 240 20.32 -32.04 -7.73
CA LYS B 240 19.74 -31.84 -9.05
C LYS B 240 18.72 -30.71 -9.06
N VAL B 241 17.98 -30.53 -7.98
CA VAL B 241 16.83 -29.63 -7.96
C VAL B 241 17.15 -28.29 -7.31
N TYR B 242 17.84 -28.30 -6.16
CA TYR B 242 17.99 -27.10 -5.35
C TYR B 242 19.42 -26.56 -5.33
N LEU B 243 20.39 -27.37 -4.93
CA LEU B 243 21.72 -26.82 -4.65
C LEU B 243 22.57 -26.67 -5.91
N GLY B 244 22.33 -27.49 -6.92
CA GLY B 244 23.14 -27.47 -8.13
C GLY B 244 24.37 -28.36 -8.02
N ASP B 245 25.01 -28.57 -9.17
CA ASP B 245 26.18 -29.43 -9.21
C ASP B 245 27.33 -28.87 -8.39
N ASP B 246 27.53 -27.56 -8.43
CA ASP B 246 28.58 -26.88 -7.70
C ASP B 246 27.96 -26.12 -6.53
N PHE B 247 28.53 -26.30 -5.34
CA PHE B 247 28.06 -25.62 -4.15
C PHE B 247 29.12 -25.60 -3.06
N UNK C 1 2.42 13.70 0.41
CA UNK C 1 1.90 14.43 1.57
C UNK C 1 1.69 15.90 1.23
N UNK C 2 2.57 16.43 0.36
CA UNK C 2 2.45 17.83 -0.05
C UNK C 2 1.16 18.08 -0.82
N UNK C 3 0.78 17.12 -1.67
CA UNK C 3 -0.44 17.28 -2.48
C UNK C 3 -1.68 17.37 -1.59
N UNK C 4 -1.73 16.58 -0.52
CA UNK C 4 -2.90 16.57 0.35
C UNK C 4 -3.11 17.93 1.02
N UNK C 5 -2.03 18.56 1.49
CA UNK C 5 -2.16 19.88 2.10
C UNK C 5 -2.65 20.91 1.09
N UNK C 6 -2.10 20.88 -0.13
CA UNK C 6 -2.53 21.84 -1.15
C UNK C 6 -3.94 21.55 -1.64
N UNK C 7 -4.35 20.28 -1.59
CA UNK C 7 -5.68 19.90 -2.06
C UNK C 7 -6.78 20.55 -1.23
N UNK C 8 -6.63 20.56 0.10
CA UNK C 8 -7.63 21.19 0.95
C UNK C 8 -7.69 22.69 0.71
N UNK C 9 -6.54 23.35 0.57
CA UNK C 9 -6.54 24.79 0.30
C UNK C 9 -7.16 25.09 -1.05
N UNK C 10 -6.81 24.31 -2.08
CA UNK C 10 -7.39 24.52 -3.40
C UNK C 10 -8.89 24.26 -3.41
N UNK C 11 -9.32 23.19 -2.73
CA UNK C 11 -10.75 22.93 -2.57
C UNK C 11 -11.45 24.03 -1.79
N UNK C 12 -10.79 24.55 -0.74
CA UNK C 12 -11.36 25.67 0.00
C UNK C 12 -11.50 26.91 -0.87
N UNK C 13 -10.53 27.17 -1.74
CA UNK C 13 -10.63 28.32 -2.63
C UNK C 13 -11.84 28.20 -3.55
N UNK C 14 -12.08 27.01 -4.10
CA UNK C 14 -13.30 26.79 -4.88
C UNK C 14 -14.54 26.71 -3.99
N UNK C 15 -14.39 26.22 -2.76
CA UNK C 15 -15.54 26.15 -1.85
C UNK C 15 -16.08 27.54 -1.52
N UNK C 16 -15.19 28.52 -1.32
CA UNK C 16 -15.65 29.88 -1.06
C UNK C 16 -16.44 30.42 -2.23
N UNK C 17 -15.98 30.15 -3.46
CA UNK C 17 -16.77 30.48 -4.63
C UNK C 17 -18.09 29.72 -4.68
N UNK C 18 -18.05 28.43 -4.33
CA UNK C 18 -19.28 27.65 -4.24
C UNK C 18 -20.17 28.10 -3.08
N UNK C 19 -19.57 28.62 -2.01
CA UNK C 19 -20.37 29.19 -0.93
C UNK C 19 -21.18 30.38 -1.41
N UNK C 20 -20.56 31.26 -2.21
CA UNK C 20 -21.26 32.40 -2.78
C UNK C 20 -22.18 32.02 -3.92
N UNK C 21 -22.11 30.79 -4.41
CA UNK C 21 -22.96 30.34 -5.51
C UNK C 21 -24.41 30.24 -5.07
N ILE D 2 1.05 -1.29 -29.36
CA ILE D 2 0.82 -2.30 -28.33
C ILE D 2 0.78 -1.66 -26.95
N ILE D 3 1.61 -0.64 -26.76
CA ILE D 3 1.65 0.04 -25.47
C ILE D 3 0.48 1.02 -25.34
N ARG D 4 -0.04 1.51 -26.47
CA ARG D 4 -1.24 2.35 -26.41
C ARG D 4 -2.48 1.50 -26.16
N ARG D 5 -2.58 0.35 -26.83
CA ARG D 5 -3.71 -0.55 -26.60
C ARG D 5 -3.68 -1.14 -25.20
N TYR D 6 -2.49 -1.34 -24.64
CA TYR D 6 -2.40 -1.83 -23.26
C TYR D 6 -2.98 -0.81 -22.29
N LEU D 7 -2.70 0.47 -22.48
CA LEU D 7 -3.20 1.49 -21.55
C LEU D 7 -4.68 1.77 -21.77
N VAL D 8 -5.13 1.84 -23.02
CA VAL D 8 -6.53 2.14 -23.30
C VAL D 8 -7.42 1.03 -22.75
N LYS D 9 -7.02 -0.22 -22.92
CA LYS D 9 -7.80 -1.33 -22.38
C LYS D 9 -7.86 -1.27 -20.86
N GLN D 10 -6.75 -0.89 -20.22
CA GLN D 10 -6.73 -0.80 -18.76
C GLN D 10 -7.56 0.38 -18.26
N VAL D 11 -7.43 1.53 -18.92
CA VAL D 11 -8.14 2.73 -18.45
C VAL D 11 -9.64 2.57 -18.65
N VAL D 12 -10.06 2.06 -19.82
CA VAL D 12 -11.48 1.87 -20.09
C VAL D 12 -12.08 0.88 -19.11
N SER D 13 -11.37 -0.21 -18.82
CA SER D 13 -11.90 -1.23 -17.92
C SER D 13 -12.09 -0.69 -16.51
N THR D 14 -11.10 0.06 -16.00
CA THR D 14 -11.18 0.56 -14.63
C THR D 14 -11.95 1.86 -14.51
N SER D 15 -12.14 2.60 -15.60
CA SER D 15 -13.02 3.77 -15.56
C SER D 15 -14.49 3.37 -15.51
N LEU D 16 -14.86 2.33 -16.27
CA LEU D 16 -16.24 1.85 -16.22
C LEU D 16 -16.58 1.25 -14.85
N VAL D 17 -15.59 0.63 -14.19
CA VAL D 17 -15.81 0.13 -12.83
C VAL D 17 -16.03 1.29 -11.87
N VAL D 18 -15.19 2.33 -11.97
CA VAL D 18 -15.32 3.49 -11.10
C VAL D 18 -16.62 4.24 -11.39
N ILE D 19 -16.95 4.39 -12.67
CA ILE D 19 -18.19 5.08 -13.05
C ILE D 19 -19.40 4.33 -12.51
N ALA D 20 -19.42 3.00 -12.66
CA ALA D 20 -20.52 2.23 -12.09
C ALA D 20 -20.47 2.22 -10.57
N LEU D 21 -19.29 2.41 -9.98
CA LEU D 21 -19.20 2.50 -8.53
C LEU D 21 -19.67 3.85 -8.01
N LEU D 22 -19.39 4.92 -8.76
CA LEU D 22 -19.85 6.25 -8.37
C LEU D 22 -21.33 6.45 -8.65
N THR D 23 -21.83 5.87 -9.74
CA THR D 23 -23.26 5.93 -10.02
C THR D 23 -24.07 5.26 -8.91
N LEU D 24 -23.59 4.12 -8.41
CA LEU D 24 -24.27 3.45 -7.31
C LEU D 24 -24.23 4.27 -6.03
N ILE D 25 -23.22 5.12 -5.88
CA ILE D 25 -23.04 5.91 -4.67
C ILE D 25 -23.66 7.29 -4.81
N MET D 26 -23.38 7.98 -5.93
CA MET D 26 -23.88 9.32 -6.13
C MET D 26 -25.40 9.34 -6.26
N MET D 27 -25.97 8.38 -6.98
CA MET D 27 -27.41 8.32 -7.16
C MET D 27 -28.10 7.34 -6.22
N GLY D 28 -27.35 6.47 -5.54
CA GLY D 28 -27.92 5.73 -4.43
C GLY D 28 -28.30 6.64 -3.27
N GLY D 29 -27.48 7.67 -3.02
CA GLY D 29 -27.84 8.64 -2.01
C GLY D 29 -29.05 9.48 -2.38
N ARG D 30 -29.15 9.86 -3.66
CA ARG D 30 -30.30 10.64 -4.10
C ARG D 30 -31.57 9.78 -4.17
N LEU D 31 -31.42 8.51 -4.56
CA LEU D 31 -32.58 7.62 -4.61
C LEU D 31 -33.15 7.40 -3.21
N ILE D 32 -32.28 7.28 -2.20
CA ILE D 32 -32.76 7.16 -0.83
C ILE D 32 -33.44 8.44 -0.38
N LYS D 33 -32.87 9.59 -0.74
CA LYS D 33 -33.51 10.86 -0.43
C LYS D 33 -34.85 11.00 -1.14
N TYR D 34 -34.91 10.57 -2.40
CA TYR D 34 -36.18 10.56 -3.12
C TYR D 34 -37.18 9.61 -2.46
N PHE D 35 -36.71 8.46 -1.97
CA PHE D 35 -37.60 7.55 -1.25
C PHE D 35 -38.10 8.18 0.04
N GLY D 36 -37.32 9.06 0.66
CA GLY D 36 -37.76 9.76 1.85
C GLY D 36 -38.89 10.72 1.60
N PHE D 49 -38.50 4.53 -10.18
CA PHE D 49 -37.49 3.93 -11.04
C PHE D 49 -37.39 4.67 -12.37
N SER D 50 -38.45 5.36 -12.75
CA SER D 50 -38.42 6.24 -13.92
C SER D 50 -37.67 7.53 -13.64
N ILE D 51 -37.72 8.02 -12.40
CA ILE D 51 -36.96 9.22 -12.05
C ILE D 51 -35.46 8.97 -12.18
N ILE D 52 -35.01 7.81 -11.71
CA ILE D 52 -33.58 7.47 -11.82
C ILE D 52 -33.19 7.33 -13.29
N GLY D 53 -34.09 6.79 -14.12
CA GLY D 53 -33.81 6.68 -15.53
C GLY D 53 -33.63 8.01 -16.22
N TYR D 54 -34.43 9.02 -15.85
CA TYR D 54 -34.34 10.32 -16.46
C TYR D 54 -33.23 11.20 -15.88
N ARG D 55 -32.66 10.83 -14.75
CA ARG D 55 -31.53 11.55 -14.16
C ARG D 55 -30.20 10.84 -14.42
N MET D 56 -30.19 9.76 -15.21
CA MET D 56 -28.93 9.17 -15.63
C MET D 56 -28.00 10.16 -16.34
N PRO D 57 -28.44 10.90 -17.36
CA PRO D 57 -27.49 11.82 -18.03
C PRO D 57 -27.06 12.98 -17.15
N GLU D 58 -27.86 13.38 -16.16
CA GLU D 58 -27.47 14.50 -15.31
C GLU D 58 -26.31 14.13 -14.40
N PHE D 59 -26.39 12.97 -13.75
CA PHE D 59 -25.33 12.54 -12.85
C PHE D 59 -24.10 12.05 -13.62
N LEU D 60 -24.31 11.29 -14.70
CA LEU D 60 -23.18 10.82 -15.50
C LEU D 60 -22.43 11.96 -16.16
N THR D 61 -23.02 13.16 -16.20
CA THR D 61 -22.29 14.33 -16.65
C THR D 61 -21.14 14.67 -15.71
N LEU D 62 -21.32 14.44 -14.41
CA LEU D 62 -20.28 14.69 -13.42
C LEU D 62 -19.42 13.46 -13.16
N ILE D 63 -20.02 12.27 -13.19
CA ILE D 63 -19.29 11.04 -12.87
C ILE D 63 -18.25 10.74 -13.95
N LEU D 64 -18.58 11.00 -15.21
CA LEU D 64 -17.68 10.66 -16.30
C LEU D 64 -16.33 11.37 -16.23
N PRO D 65 -16.26 12.69 -16.00
CA PRO D 65 -14.93 13.28 -15.73
C PRO D 65 -14.28 12.75 -14.46
N LEU D 66 -15.08 12.45 -13.43
CA LEU D 66 -14.51 11.93 -12.18
C LEU D 66 -14.07 10.48 -12.36
N GLY D 67 -14.85 9.68 -13.07
CA GLY D 67 -14.45 8.31 -13.34
C GLY D 67 -13.23 8.22 -14.23
N PHE D 68 -13.14 9.08 -15.25
CA PHE D 68 -11.95 9.11 -16.09
C PHE D 68 -10.73 9.55 -15.32
N PHE D 69 -10.86 10.55 -14.45
CA PHE D 69 -9.72 11.02 -13.66
C PHE D 69 -9.26 9.93 -12.69
N ILE D 70 -10.19 9.32 -11.96
CA ILE D 70 -9.82 8.28 -11.01
C ILE D 70 -9.29 7.06 -11.75
N GLY D 71 -9.95 6.67 -12.85
CA GLY D 71 -9.47 5.53 -13.62
C GLY D 71 -8.10 5.76 -14.24
N LEU D 72 -7.76 7.02 -14.52
CA LEU D 72 -6.45 7.33 -15.05
C LEU D 72 -5.36 7.16 -14.00
N MET D 73 -5.64 7.58 -12.76
CA MET D 73 -4.65 7.48 -11.70
C MET D 73 -4.52 6.07 -11.17
N LEU D 74 -5.59 5.28 -11.21
CA LEU D 74 -5.47 3.88 -10.81
C LEU D 74 -4.59 3.10 -11.78
N VAL D 75 -4.73 3.35 -13.08
CA VAL D 75 -3.86 2.70 -14.06
C VAL D 75 -2.43 3.17 -13.90
N PHE D 76 -2.22 4.50 -13.83
CA PHE D 76 -0.87 5.02 -13.70
C PHE D 76 -0.29 4.72 -12.32
N GLY D 77 -1.15 4.59 -11.30
CA GLY D 77 -0.68 4.12 -10.01
C GLY D 77 -0.24 2.67 -10.04
N ARG D 78 -0.97 1.83 -10.78
CA ARG D 78 -0.63 0.42 -10.87
C ARG D 78 0.70 0.23 -11.60
N LEU D 79 0.95 1.02 -12.64
CA LEU D 79 2.23 0.91 -13.35
C LEU D 79 3.40 1.26 -12.44
N TYR D 80 3.21 2.23 -11.55
CA TYR D 80 4.28 2.60 -10.62
C TYR D 80 4.44 1.56 -9.51
N VAL D 81 3.34 1.03 -8.98
CA VAL D 81 3.43 0.15 -7.83
C VAL D 81 4.13 -1.15 -8.19
N ASP D 82 3.73 -1.78 -9.29
CA ASP D 82 4.31 -3.05 -9.70
C ASP D 82 5.38 -2.89 -10.77
N HIS D 83 6.09 -1.76 -10.75
CA HIS D 83 7.33 -1.55 -11.48
C HIS D 83 7.19 -1.67 -13.00
N GLU D 84 5.98 -1.52 -13.54
CA GLU D 84 5.84 -1.45 -14.99
C GLU D 84 6.16 -0.07 -15.54
N MET D 85 6.26 0.94 -14.69
CA MET D 85 6.65 2.28 -15.12
C MET D 85 8.16 2.46 -15.14
N ALA D 86 8.88 1.78 -14.26
CA ALA D 86 10.34 1.82 -14.28
C ALA D 86 10.89 1.20 -15.55
N VAL D 87 10.22 0.18 -16.10
CA VAL D 87 10.65 -0.42 -17.36
C VAL D 87 10.10 0.30 -18.58
N LEU D 88 9.11 1.17 -18.40
CA LEU D 88 8.66 2.03 -19.49
C LEU D 88 9.46 3.32 -19.58
N ASN D 89 9.75 3.95 -18.45
CA ASN D 89 10.71 5.05 -18.44
C ASN D 89 12.10 4.57 -18.81
N GLY D 90 12.50 3.42 -18.31
CA GLY D 90 13.81 2.84 -18.60
C GLY D 90 13.96 2.35 -20.03
N SER D 91 12.89 2.35 -20.81
CA SER D 91 12.96 1.99 -22.22
C SER D 91 12.82 3.19 -23.16
N GLY D 92 12.69 4.41 -22.62
CA GLY D 92 12.59 5.59 -23.43
C GLY D 92 11.21 6.19 -23.56
N ILE D 93 10.22 5.66 -22.84
CA ILE D 93 8.84 6.14 -22.91
C ILE D 93 8.55 6.84 -21.60
N SER D 94 8.43 8.17 -21.65
CA SER D 94 8.22 8.95 -20.44
C SER D 94 6.78 8.81 -19.95
N ARG D 95 6.48 9.47 -18.83
CA ARG D 95 5.10 9.52 -18.35
C ARG D 95 4.26 10.48 -19.16
N ILE D 96 4.86 11.59 -19.60
CA ILE D 96 4.16 12.53 -20.47
C ILE D 96 3.82 11.88 -21.80
N ARG D 97 4.73 11.07 -22.34
CA ARG D 97 4.46 10.35 -23.58
C ARG D 97 3.33 9.35 -23.42
N LEU D 98 3.26 8.69 -22.25
CA LEU D 98 2.15 7.79 -21.99
C LEU D 98 0.82 8.52 -21.90
N GLY D 99 0.83 9.74 -21.35
CA GLY D 99 -0.39 10.53 -21.33
C GLY D 99 -0.79 11.04 -22.70
N GLN D 100 0.19 11.24 -23.59
CA GLN D 100 -0.13 11.65 -24.95
C GLN D 100 -0.62 10.49 -25.81
N LEU D 101 -0.38 9.25 -25.39
CA LEU D 101 -0.94 8.10 -26.09
C LEU D 101 -2.43 7.91 -25.83
N LEU D 102 -2.97 8.58 -24.81
CA LEU D 102 -4.37 8.44 -24.43
C LEU D 102 -5.21 9.63 -24.89
N ILE D 103 -4.63 10.52 -25.72
CA ILE D 103 -5.43 11.58 -26.32
C ILE D 103 -6.54 11.03 -27.20
N PRO D 104 -6.30 10.03 -28.06
CA PRO D 104 -7.44 9.44 -28.80
C PRO D 104 -8.52 8.89 -27.89
N LEU D 105 -8.16 8.35 -26.72
CA LEU D 105 -9.17 7.89 -25.78
C LEU D 105 -9.90 9.06 -25.14
N ALA D 106 -9.15 10.09 -24.73
CA ALA D 106 -9.78 11.26 -24.11
C ALA D 106 -10.70 11.98 -25.08
N LEU D 107 -10.36 11.96 -26.37
CA LEU D 107 -11.24 12.56 -27.37
C LEU D 107 -12.56 11.80 -27.47
N VAL D 108 -12.51 10.47 -27.32
CA VAL D 108 -13.74 9.68 -27.31
C VAL D 108 -14.59 10.04 -26.09
N PHE D 109 -13.96 10.18 -24.92
CA PHE D 109 -14.72 10.58 -23.74
C PHE D 109 -15.23 12.01 -23.85
N LEU D 110 -14.47 12.89 -24.51
CA LEU D 110 -14.97 14.24 -24.74
C LEU D 110 -16.20 14.21 -25.66
N VAL D 111 -16.14 13.41 -26.71
CA VAL D 111 -17.29 13.28 -27.61
C VAL D 111 -18.46 12.63 -26.88
N ILE D 112 -18.18 11.62 -26.06
CA ILE D 112 -19.24 10.95 -25.31
C ILE D 112 -19.93 11.93 -24.36
N GLN D 113 -19.13 12.69 -23.60
CA GLN D 113 -19.73 13.64 -22.67
C GLN D 113 -20.36 14.82 -23.40
N GLY D 114 -19.81 15.17 -24.58
CA GLY D 114 -20.47 16.18 -25.40
C GLY D 114 -21.86 15.77 -25.82
N ILE D 115 -22.08 14.48 -26.04
CA ILE D 115 -23.43 13.99 -26.32
C ILE D 115 -24.31 14.10 -25.08
N LEU D 116 -23.78 13.72 -23.92
CA LEU D 116 -24.55 13.84 -22.69
C LEU D 116 -24.91 15.29 -22.39
N MET D 117 -23.91 16.17 -22.37
CA MET D 117 -24.11 17.55 -21.96
C MET D 117 -25.04 18.30 -22.91
N LEU D 118 -24.92 18.05 -24.21
CA LEU D 118 -25.67 18.83 -25.19
C LEU D 118 -27.05 18.27 -25.48
N TRP D 119 -27.22 16.95 -25.48
CA TRP D 119 -28.47 16.34 -25.89
C TRP D 119 -29.20 15.62 -24.77
N MET D 120 -28.58 14.63 -24.12
CA MET D 120 -29.32 13.79 -23.19
C MET D 120 -29.54 14.46 -21.84
N THR D 121 -28.62 15.31 -21.39
CA THR D 121 -28.86 16.05 -20.15
C THR D 121 -30.07 16.97 -20.25
N PRO D 122 -30.25 17.76 -21.32
CA PRO D 122 -31.54 18.48 -21.44
C PRO D 122 -32.72 17.55 -21.65
N TRP D 123 -32.57 16.54 -22.51
CA TRP D 123 -33.68 15.61 -22.76
C TRP D 123 -34.07 14.85 -21.51
N GLY D 124 -33.08 14.39 -20.75
CA GLY D 124 -33.38 13.70 -19.50
C GLY D 124 -34.05 14.61 -18.48
N LEU D 125 -33.60 15.86 -18.41
CA LEU D 125 -34.20 16.83 -17.49
C LEU D 125 -35.55 17.34 -17.97
N ARG D 126 -35.80 17.30 -19.28
CA ARG D 126 -37.11 17.72 -19.80
C ARG D 126 -38.20 16.72 -19.43
N GLN D 127 -37.94 15.43 -19.62
CA GLN D 127 -38.93 14.42 -19.25
C GLN D 127 -39.10 14.32 -17.74
N PHE D 128 -38.01 14.50 -16.99
CA PHE D 128 -38.11 14.47 -15.53
C PHE D 128 -38.94 15.64 -15.00
N ASP D 129 -38.79 16.82 -15.60
CA ASP D 129 -39.52 17.99 -15.13
C ASP D 129 -41.03 17.82 -15.34
N GLN D 130 -41.43 17.26 -16.49
CA GLN D 130 -42.85 16.96 -16.70
C GLN D 130 -43.34 15.90 -15.74
N LEU D 131 -42.51 14.89 -15.47
CA LEU D 131 -42.93 13.82 -14.56
C LEU D 131 -43.00 14.32 -13.12
N SER D 132 -42.01 15.08 -12.68
CA SER D 132 -41.96 15.60 -11.32
C SER D 132 -43.10 16.59 -11.08
N LYS D 247 -37.55 25.79 -16.52
CA LYS D 247 -36.16 25.68 -16.07
C LYS D 247 -35.21 25.66 -17.25
N VAL D 248 -34.13 26.45 -17.17
CA VAL D 248 -33.15 26.50 -18.23
C VAL D 248 -32.32 25.23 -18.30
N GLU D 249 -32.30 24.43 -17.23
CA GLU D 249 -31.52 23.20 -17.21
C GLU D 249 -32.07 22.14 -18.15
N ALA D 250 -33.32 22.29 -18.61
CA ALA D 250 -33.95 21.29 -19.44
C ALA D 250 -34.36 21.81 -20.82
N LEU D 251 -34.06 23.06 -21.14
CA LEU D 251 -34.43 23.58 -22.45
C LEU D 251 -33.60 22.92 -23.54
N PRO D 252 -34.17 22.71 -24.73
CA PRO D 252 -33.41 22.12 -25.83
C PRO D 252 -32.25 23.00 -26.24
N SER D 253 -31.16 22.37 -26.67
CA SER D 253 -29.99 23.11 -27.13
C SER D 253 -30.26 23.92 -28.38
N SER D 254 -31.26 23.55 -29.18
CA SER D 254 -31.62 24.33 -30.36
C SER D 254 -32.13 25.71 -29.96
N LYS D 255 -32.97 25.78 -28.92
CA LYS D 255 -33.50 27.06 -28.46
C LYS D 255 -32.48 27.87 -27.68
N LEU D 256 -31.32 27.31 -27.35
CA LEU D 256 -30.31 28.01 -26.58
C LEU D 256 -29.06 28.36 -27.39
N TRP D 257 -28.99 27.92 -28.65
CA TRP D 257 -27.84 28.26 -29.49
C TRP D 257 -27.73 29.78 -29.66
N ASN D 258 -28.85 30.44 -29.93
CA ASN D 258 -28.91 31.90 -29.95
C ASN D 258 -29.22 32.42 -28.55
N LYS D 259 -29.60 33.70 -28.47
CA LYS D 259 -29.96 34.34 -27.20
C LYS D 259 -28.81 34.29 -26.20
N TRP D 260 -27.59 34.53 -26.67
CA TRP D 260 -26.44 34.61 -25.79
C TRP D 260 -26.45 35.86 -24.92
N ASN D 261 -27.28 36.86 -25.24
CA ASN D 261 -27.29 38.09 -24.48
C ASN D 261 -27.76 37.85 -23.04
N ASP D 262 -28.78 37.02 -22.87
CA ASP D 262 -29.32 36.74 -21.55
C ASP D 262 -28.30 35.95 -20.73
N PRO D 263 -27.87 36.45 -19.58
CA PRO D 263 -26.86 35.72 -18.78
C PRO D 263 -27.29 34.33 -18.34
N VAL D 264 -28.60 34.12 -18.10
CA VAL D 264 -29.06 32.79 -17.69
C VAL D 264 -28.80 31.77 -18.78
N ILE D 265 -29.16 32.10 -20.03
CA ILE D 265 -28.85 31.21 -21.14
C ILE D 265 -27.35 31.19 -21.40
N ALA D 266 -26.67 32.32 -21.19
CA ALA D 266 -25.22 32.36 -21.39
C ALA D 266 -24.49 31.40 -20.45
N SER D 267 -24.94 31.33 -19.19
CA SER D 267 -24.31 30.41 -18.25
C SER D 267 -24.60 28.95 -18.61
N GLU D 268 -25.84 28.66 -19.01
CA GLU D 268 -26.20 27.28 -19.30
C GLU D 268 -25.57 26.79 -20.60
N MET D 269 -25.61 27.62 -21.64
CA MET D 269 -25.02 27.21 -22.92
C MET D 269 -23.51 27.10 -22.81
N GLY D 270 -22.87 28.01 -22.09
CA GLY D 270 -21.44 27.88 -21.82
C GLY D 270 -21.12 26.65 -21.00
N TRP D 271 -22.02 26.28 -20.08
CA TRP D 271 -21.83 25.07 -19.29
C TRP D 271 -21.90 23.81 -20.16
N ARG D 272 -22.62 23.88 -21.27
CA ARG D 272 -22.75 22.75 -22.19
C ARG D 272 -21.65 22.71 -23.25
N VAL D 273 -21.03 23.83 -23.56
CA VAL D 273 -20.00 23.88 -24.60
C VAL D 273 -18.60 23.67 -24.02
N PHE D 274 -18.26 24.42 -22.97
CA PHE D 274 -16.97 24.28 -22.31
C PHE D 274 -16.96 23.20 -21.23
N GLY D 275 -18.12 22.64 -20.89
CA GLY D 275 -18.19 21.56 -19.94
C GLY D 275 -17.50 20.28 -20.35
N PRO D 276 -17.73 19.81 -21.59
CA PRO D 276 -17.09 18.55 -22.02
C PRO D 276 -15.57 18.61 -22.04
N PHE D 277 -14.98 19.79 -22.08
CA PHE D 277 -13.52 19.91 -22.12
C PHE D 277 -12.86 19.64 -20.77
N THR D 278 -13.62 19.22 -19.75
CA THR D 278 -13.00 18.76 -18.52
C THR D 278 -12.36 17.37 -18.66
N ILE D 279 -12.72 16.63 -19.71
CA ILE D 279 -12.06 15.35 -19.96
C ILE D 279 -10.60 15.57 -20.31
N VAL D 280 -10.32 16.54 -21.18
CA VAL D 280 -8.94 16.86 -21.53
C VAL D 280 -8.16 17.33 -20.30
N ILE D 281 -8.79 18.19 -19.49
CA ILE D 281 -8.14 18.63 -18.26
C ILE D 281 -7.95 17.47 -17.29
N ALA D 282 -8.89 16.52 -17.27
CA ALA D 282 -8.73 15.32 -16.46
C ALA D 282 -7.65 14.39 -17.00
N LEU D 283 -7.18 14.60 -18.22
CA LEU D 283 -6.11 13.78 -18.77
C LEU D 283 -4.73 14.32 -18.41
N MET D 284 -4.50 15.61 -18.60
CA MET D 284 -3.20 16.20 -18.30
C MET D 284 -3.00 16.51 -16.83
N MET D 285 -4.06 16.47 -16.02
CA MET D 285 -3.91 16.64 -14.58
C MET D 285 -3.78 15.31 -13.85
N ALA D 286 -4.31 14.23 -14.42
CA ALA D 286 -4.06 12.90 -13.86
C ALA D 286 -2.66 12.41 -14.18
N VAL D 287 -2.08 12.85 -15.30
CA VAL D 287 -0.69 12.52 -15.61
C VAL D 287 0.24 13.24 -14.65
N ALA D 288 -0.09 14.48 -14.28
CA ALA D 288 0.79 15.25 -13.40
C ALA D 288 0.79 14.70 -11.98
N LEU D 289 -0.37 14.30 -11.47
CA LEU D 289 -0.52 13.93 -10.06
C LEU D 289 -0.61 12.42 -9.86
N CYS D 290 0.15 11.64 -10.62
CA CYS D 290 0.09 10.18 -10.51
C CYS D 290 1.39 9.56 -10.01
N GLU D 291 2.48 10.31 -9.95
CA GLU D 291 3.75 9.77 -9.51
C GLU D 291 3.67 9.35 -8.05
N VAL D 292 3.87 8.06 -7.78
CA VAL D 292 3.76 7.52 -6.43
C VAL D 292 4.81 6.44 -6.25
N SER D 293 5.35 6.35 -5.03
CA SER D 293 6.40 5.38 -4.73
C SER D 293 5.80 3.98 -4.57
N PRO D 294 6.57 2.94 -4.87
CA PRO D 294 6.06 1.56 -4.69
C PRO D 294 5.61 1.28 -3.27
N ARG D 295 6.32 1.79 -2.27
CA ARG D 295 5.94 1.59 -0.87
C ARG D 295 4.79 2.50 -0.44
N GLN D 296 4.54 3.58 -1.18
CA GLN D 296 3.46 4.49 -0.81
C GLN D 296 2.09 3.86 -1.08
N GLY D 297 1.96 3.15 -2.20
CA GLY D 297 0.73 2.45 -2.51
C GLY D 297 0.04 2.94 -3.76
N ARG D 298 -0.88 2.13 -4.30
CA ARG D 298 -1.63 2.55 -5.48
C ARG D 298 -2.68 3.60 -5.14
N TYR D 299 -3.21 3.59 -3.93
CA TYR D 299 -4.28 4.48 -3.55
C TYR D 299 -3.80 5.66 -2.71
N TYR D 300 -2.49 5.85 -2.58
CA TYR D 300 -1.98 6.92 -1.73
C TYR D 300 -2.35 8.29 -2.27
N ARG D 301 -2.23 8.49 -3.59
CA ARG D 301 -2.44 9.79 -4.21
C ARG D 301 -3.86 9.96 -4.75
N LEU D 302 -4.80 9.12 -4.32
CA LEU D 302 -6.18 9.25 -4.77
C LEU D 302 -6.88 10.42 -4.10
N ILE D 303 -7.02 10.34 -2.76
CA ILE D 303 -7.76 11.39 -2.04
C ILE D 303 -7.13 12.76 -2.21
N PRO D 304 -5.80 12.95 -2.11
CA PRO D 304 -5.26 14.28 -2.41
C PRO D 304 -5.55 14.79 -3.81
N ALA D 305 -5.61 13.92 -4.82
CA ALA D 305 -5.77 14.42 -6.17
C ALA D 305 -7.20 14.38 -6.69
N ILE D 306 -8.08 13.58 -6.07
CA ILE D 306 -9.51 13.71 -6.37
C ILE D 306 -10.05 15.07 -5.90
N PHE D 307 -9.54 15.58 -4.78
CA PHE D 307 -9.92 16.91 -4.33
C PHE D 307 -9.37 18.00 -5.23
N ILE D 308 -8.21 17.78 -5.85
CA ILE D 308 -7.69 18.75 -6.80
C ILE D 308 -8.54 18.75 -8.07
N PHE D 309 -8.96 17.57 -8.53
CA PHE D 309 -9.88 17.51 -9.65
C PHE D 309 -11.25 18.07 -9.27
N ALA D 310 -11.76 17.70 -8.09
CA ALA D 310 -13.06 18.18 -7.65
C ALA D 310 -13.06 19.69 -7.45
N SER D 311 -11.91 20.28 -7.12
CA SER D 311 -11.83 21.73 -7.01
C SER D 311 -12.05 22.41 -8.35
N LEU D 312 -11.76 21.73 -9.46
CA LEU D 312 -12.07 22.28 -10.77
C LEU D 312 -13.57 22.28 -11.03
N ILE D 313 -14.24 21.15 -10.75
CA ILE D 313 -15.67 21.06 -10.99
C ILE D 313 -16.43 21.99 -10.06
N VAL D 314 -16.05 22.02 -8.78
CA VAL D 314 -16.68 22.93 -7.82
C VAL D 314 -16.50 24.37 -8.24
N LEU D 315 -15.33 24.70 -8.81
CA LEU D 315 -15.13 26.04 -9.35
C LEU D 315 -16.02 26.29 -10.56
N LEU D 316 -16.23 25.27 -11.40
CA LEU D 316 -17.04 25.46 -12.59
C LEU D 316 -18.53 25.56 -12.25
N ILE D 317 -18.98 24.86 -11.22
CA ILE D 317 -20.34 25.06 -10.73
C ILE D 317 -20.46 26.42 -10.07
N ALA D 318 -19.40 26.86 -9.38
CA ALA D 318 -19.38 28.20 -8.81
C ALA D 318 -19.23 29.29 -9.87
N ILE D 319 -18.83 28.94 -11.07
CA ILE D 319 -18.78 29.91 -12.17
C ILE D 319 -20.11 29.96 -12.91
N ARG D 320 -20.77 28.81 -13.07
CA ARG D 320 -22.08 28.77 -13.71
C ARG D 320 -23.08 29.65 -12.97
N THR D 321 -22.99 29.70 -11.64
CA THR D 321 -23.89 30.54 -10.86
C THR D 321 -23.54 32.02 -11.00
N ARG D 322 -22.24 32.35 -11.05
CA ARG D 322 -21.85 33.75 -11.20
C ARG D 322 -22.26 34.31 -12.55
N ILE D 323 -22.18 33.51 -13.61
CA ILE D 323 -22.61 33.97 -14.92
C ILE D 323 -24.12 34.15 -14.96
N SER D 324 -24.86 33.26 -14.29
CA SER D 324 -26.32 33.37 -14.28
C SER D 324 -26.79 34.67 -13.63
N ARG D 325 -26.01 35.22 -12.70
CA ARG D 325 -26.32 36.50 -12.09
C ARG D 325 -25.67 37.68 -12.82
N ASP D 326 -25.07 37.43 -13.99
CA ASP D 326 -24.42 38.48 -14.78
C ASP D 326 -23.37 39.21 -13.94
N GLU D 327 -22.49 38.43 -13.31
CA GLU D 327 -21.42 38.98 -12.49
C GLU D 327 -20.02 38.64 -12.98
N LEU D 328 -19.86 37.63 -13.82
CA LEU D 328 -18.53 37.15 -14.17
C LEU D 328 -18.29 37.09 -15.67
N GLY D 329 -19.30 36.74 -16.46
CA GLY D 329 -19.11 36.64 -17.89
C GLY D 329 -18.78 35.23 -18.34
N VAL D 330 -19.16 34.93 -19.59
CA VAL D 330 -19.03 33.57 -20.10
C VAL D 330 -17.58 33.23 -20.42
N TRP D 331 -16.72 34.25 -20.50
CA TRP D 331 -15.31 34.04 -20.85
C TRP D 331 -14.54 33.29 -19.79
N ALA D 332 -15.10 33.13 -18.59
CA ALA D 332 -14.38 32.52 -17.47
C ALA D 332 -14.38 31.01 -17.52
N TYR D 333 -15.10 30.39 -18.47
CA TYR D 333 -15.03 28.93 -18.60
C TYR D 333 -13.69 28.47 -19.14
N PRO D 334 -13.20 28.95 -20.30
CA PRO D 334 -11.84 28.55 -20.71
C PRO D 334 -10.76 29.05 -19.77
N ALA D 335 -10.96 30.20 -19.14
CA ALA D 335 -9.96 30.72 -18.21
C ALA D 335 -9.76 29.79 -17.02
N ALA D 336 -10.86 29.24 -16.49
CA ALA D 336 -10.75 28.27 -15.41
C ALA D 336 -10.04 27.00 -15.86
N LEU D 337 -10.31 26.55 -17.08
CA LEU D 337 -9.64 25.37 -17.60
C LEU D 337 -8.18 25.66 -17.94
N ALA D 338 -7.90 26.84 -18.50
CA ALA D 338 -6.53 27.17 -18.89
C ALA D 338 -5.62 27.25 -17.67
N VAL D 339 -6.10 27.84 -16.57
CA VAL D 339 -5.29 27.93 -15.36
C VAL D 339 -4.98 26.53 -14.83
N TYR D 340 -5.98 25.66 -14.82
CA TYR D 340 -5.74 24.27 -14.42
C TYR D 340 -4.95 23.50 -15.47
N GLY D 341 -5.14 23.83 -16.75
CA GLY D 341 -4.36 23.19 -17.79
C GLY D 341 -2.89 23.55 -17.74
N ILE D 342 -2.58 24.84 -17.54
CA ILE D 342 -1.18 25.25 -17.46
C ILE D 342 -0.54 24.75 -16.19
N ALA D 343 -1.28 24.80 -15.07
CA ALA D 343 -0.73 24.31 -13.80
C ALA D 343 -0.43 22.81 -13.87
N ALA D 344 -1.31 22.04 -14.50
CA ALA D 344 -1.07 20.61 -14.65
C ALA D 344 0.10 20.33 -15.59
N ALA D 345 0.20 21.10 -16.68
CA ALA D 345 1.31 20.90 -17.61
C ALA D 345 2.64 21.25 -16.98
N LEU D 346 2.69 22.32 -16.19
CA LEU D 346 3.93 22.69 -15.52
C LEU D 346 4.32 21.67 -14.45
N PHE D 347 3.33 21.16 -13.71
CA PHE D 347 3.62 20.18 -12.68
C PHE D 347 4.06 18.84 -13.27
N SER D 348 3.51 18.46 -14.41
CA SER D 348 3.91 17.23 -15.09
C SER D 348 5.30 17.33 -15.72
N ARG D 349 5.89 18.52 -15.76
CA ARG D 349 7.19 18.74 -16.41
C ARG D 349 8.14 19.44 -15.45
N LYS D 350 8.18 18.95 -14.21
CA LYS D 350 9.03 19.53 -13.18
C LYS D 350 10.25 18.65 -12.92
N ARG E 4 -1.16 -6.96 32.16
CA ARG E 4 -0.53 -6.23 31.06
C ARG E 4 -1.03 -4.79 31.02
N ARG E 5 -0.11 -3.84 31.04
CA ARG E 5 -0.49 -2.43 30.99
C ARG E 5 0.25 -1.66 29.91
N ILE E 6 1.52 -1.95 29.67
CA ILE E 6 2.29 -1.19 28.70
C ILE E 6 1.78 -1.44 27.28
N VAL E 7 1.46 -2.69 26.96
CA VAL E 7 0.90 -3.00 25.64
C VAL E 7 -0.48 -2.35 25.49
N ALA E 8 -1.29 -2.39 26.55
CA ALA E 8 -2.64 -1.82 26.46
C ALA E 8 -2.59 -0.32 26.23
N LYS E 9 -1.68 0.38 26.91
CA LYS E 9 -1.55 1.82 26.71
C LYS E 9 -1.09 2.15 25.30
N HIS E 10 -0.16 1.36 24.75
CA HIS E 10 0.34 1.63 23.41
C HIS E 10 -0.76 1.49 22.36
N VAL E 11 -1.58 0.45 22.47
CA VAL E 11 -2.65 0.25 21.51
C VAL E 11 -3.75 1.29 21.70
N THR E 12 -4.08 1.60 22.95
CA THR E 12 -5.15 2.56 23.22
C THR E 12 -4.74 3.97 22.83
N LYS E 13 -3.53 4.39 23.23
CA LYS E 13 -3.10 5.75 22.93
C LYS E 13 -2.94 5.97 21.43
N THR E 14 -2.40 4.99 20.71
CA THR E 14 -2.23 5.13 19.27
C THR E 14 -3.58 5.27 18.57
N THR E 15 -4.57 4.48 19.00
CA THR E 15 -5.90 4.56 18.39
C THR E 15 -6.63 5.82 18.86
N ALA E 16 -6.48 6.19 20.13
CA ALA E 16 -7.15 7.38 20.63
C ALA E 16 -6.66 8.63 19.91
N LEU E 17 -5.35 8.73 19.69
CA LEU E 17 -4.81 9.85 18.94
C LEU E 17 -5.26 9.82 17.49
N ALA E 18 -5.51 8.64 16.94
CA ALA E 18 -6.02 8.54 15.57
C ALA E 18 -7.50 8.87 15.51
N MET E 19 -8.27 8.51 16.54
CA MET E 19 -9.69 8.86 16.56
C MET E 19 -9.85 10.36 16.83
N LEU E 20 -9.04 10.93 17.70
CA LEU E 20 -9.11 12.36 17.97
C LEU E 20 -8.46 13.16 16.84
N GLY E 21 -7.40 12.64 16.24
CA GLY E 21 -6.79 13.33 15.12
C GLY E 21 -7.71 13.41 13.91
N THR E 22 -8.41 12.32 13.62
CA THR E 22 -9.39 12.33 12.54
C THR E 22 -10.57 13.24 12.89
N THR E 23 -10.94 13.29 14.16
CA THR E 23 -12.05 14.14 14.60
C THR E 23 -11.73 15.61 14.37
N ILE E 24 -10.51 16.04 14.69
CA ILE E 24 -10.14 17.44 14.49
C ILE E 24 -10.18 17.79 13.01
N VAL E 25 -9.66 16.91 12.16
CA VAL E 25 -9.64 17.17 10.73
C VAL E 25 -11.06 17.20 10.17
N LEU E 26 -11.87 16.21 10.53
CA LEU E 26 -13.21 16.10 9.95
C LEU E 26 -14.10 17.27 10.36
N VAL E 27 -13.94 17.77 11.59
CA VAL E 27 -14.73 18.92 12.02
C VAL E 27 -14.29 20.18 11.28
N ILE E 28 -12.97 20.36 11.10
CA ILE E 28 -12.48 21.54 10.41
C ILE E 28 -12.96 21.56 8.96
N LEU E 29 -12.90 20.41 8.27
CA LEU E 29 -13.41 20.34 6.92
C LEU E 29 -14.91 20.61 6.86
N GLN E 30 -15.67 20.03 7.80
CA GLN E 30 -17.11 20.24 7.81
C GLN E 30 -17.49 21.67 8.19
N VAL E 31 -16.67 22.32 9.03
CA VAL E 31 -16.91 23.73 9.34
C VAL E 31 -16.66 24.59 8.10
N LEU E 32 -15.58 24.30 7.37
CA LEU E 32 -15.29 25.03 6.14
C LEU E 32 -16.34 24.76 5.07
N PHE E 33 -16.75 23.50 4.91
CA PHE E 33 -17.75 23.16 3.91
C PHE E 33 -19.10 23.77 4.22
N THR E 34 -19.51 23.73 5.50
CA THR E 34 -20.78 24.35 5.87
C THR E 34 -20.73 25.86 5.68
N TYR E 35 -19.59 26.48 5.98
CA TYR E 35 -19.44 27.93 5.81
C TYR E 35 -19.59 28.33 4.35
N TRP E 49 -19.30 38.03 9.35
CA TRP E 49 -19.00 37.75 10.75
C TRP E 49 -20.20 37.09 11.43
N GLN E 50 -21.41 37.57 11.11
CA GLN E 50 -22.62 36.97 11.66
C GLN E 50 -22.80 35.54 11.19
N ALA E 51 -22.35 35.23 9.97
CA ALA E 51 -22.43 33.87 9.45
C ALA E 51 -21.31 32.98 9.94
N PHE E 52 -20.23 33.57 10.46
CA PHE E 52 -19.18 32.76 11.08
C PHE E 52 -19.55 32.31 12.49
N LEU E 53 -20.22 33.17 13.26
CA LEU E 53 -20.68 32.78 14.59
C LEU E 53 -21.75 31.70 14.51
N TYR E 54 -22.62 31.78 13.51
CA TYR E 54 -23.66 30.77 13.33
C TYR E 54 -23.06 29.40 13.02
N VAL E 55 -21.97 29.36 12.27
CA VAL E 55 -21.29 28.09 12.00
C VAL E 55 -20.43 27.66 13.17
N LEU E 56 -19.78 28.61 13.84
CA LEU E 56 -18.96 28.27 14.99
C LEU E 56 -19.80 27.73 16.14
N TRP E 57 -20.96 28.33 16.39
CA TRP E 57 -21.85 27.81 17.42
C TRP E 57 -22.41 26.45 17.08
N GLY E 58 -22.46 26.09 15.79
CA GLY E 58 -22.89 24.79 15.35
C GLY E 58 -21.85 23.69 15.39
N ALA E 59 -20.62 24.01 15.81
CA ALA E 59 -19.57 23.00 15.85
C ALA E 59 -19.89 21.81 16.75
N PRO E 60 -20.45 21.98 17.96
CA PRO E 60 -20.82 20.78 18.74
C PRO E 60 -21.82 19.88 18.05
N ARG E 61 -22.74 20.44 17.26
CA ARG E 61 -23.67 19.60 16.51
C ARG E 61 -23.01 18.94 15.30
N TYR E 62 -22.06 19.62 14.66
CA TYR E 62 -21.23 18.95 13.66
C TYR E 62 -20.33 17.91 14.30
N LEU E 63 -19.84 18.17 15.51
CA LEU E 63 -19.01 17.20 16.22
C LEU E 63 -19.79 15.94 16.56
N TYR E 64 -21.05 16.08 16.96
CA TYR E 64 -21.85 14.92 17.35
C TYR E 64 -22.10 13.99 16.17
N GLU E 65 -22.22 14.52 14.97
CA GLU E 65 -22.51 13.70 13.79
C GLU E 65 -21.25 13.17 13.13
N ILE E 66 -20.07 13.61 13.55
CA ILE E 66 -18.82 13.09 13.00
C ILE E 66 -18.27 11.92 13.83
N LEU E 67 -18.62 11.85 15.11
CA LEU E 67 -18.06 10.82 15.98
C LEU E 67 -18.26 9.39 15.48
N PRO E 68 -19.42 8.97 14.97
CA PRO E 68 -19.50 7.62 14.40
C PRO E 68 -18.56 7.36 13.23
N ILE E 69 -18.33 8.35 12.37
CA ILE E 69 -17.47 8.15 11.22
C ILE E 69 -16.00 8.45 11.50
N SER E 70 -15.71 9.28 12.50
CA SER E 70 -14.33 9.50 12.89
C SER E 70 -13.76 8.33 13.69
N ALA E 71 -14.60 7.61 14.44
CA ALA E 71 -14.14 6.41 15.13
C ALA E 71 -13.86 5.28 14.15
N LEU E 72 -14.63 5.18 13.06
CA LEU E 72 -14.34 4.18 12.04
C LEU E 72 -13.03 4.44 11.34
N ILE E 73 -12.81 5.67 10.88
CA ILE E 73 -11.56 6.01 10.21
C ILE E 73 -10.41 6.00 11.21
N GLY E 74 -10.66 6.41 12.45
CA GLY E 74 -9.60 6.41 13.45
C GLY E 74 -9.07 5.01 13.75
N ALA E 75 -9.97 4.03 13.87
CA ALA E 75 -9.54 2.67 14.11
C ALA E 75 -8.89 2.06 12.87
N ILE E 76 -9.30 2.48 11.68
CA ILE E 76 -8.65 2.00 10.46
C ILE E 76 -7.23 2.52 10.35
N LEU E 77 -7.04 3.83 10.58
CA LEU E 77 -5.71 4.41 10.51
C LEU E 77 -4.89 4.09 11.76
N GLY E 78 -5.55 4.04 12.92
CA GLY E 78 -4.83 3.73 14.14
C GLY E 78 -4.27 2.32 14.15
N LEU E 79 -5.08 1.34 13.75
CA LEU E 79 -4.60 -0.03 13.66
C LEU E 79 -3.83 -0.29 12.38
N GLY E 80 -4.14 0.46 11.31
CA GLY E 80 -3.39 0.32 10.07
C GLY E 80 -1.92 0.65 10.25
N THR E 81 -1.61 1.69 11.03
CA THR E 81 -0.23 2.00 11.35
C THR E 81 0.43 0.87 12.12
N LEU E 82 -0.30 0.27 13.06
CA LEU E 82 0.23 -0.87 13.80
C LEU E 82 0.38 -2.09 12.89
N ALA E 83 -0.59 -2.32 12.00
CA ALA E 83 -0.53 -3.50 11.14
C ALA E 83 0.59 -3.37 10.11
N SER E 84 0.67 -2.22 9.43
CA SER E 84 1.67 -2.05 8.39
C SER E 84 3.09 -2.04 8.94
N ASN E 85 3.27 -1.70 10.22
CA ASN E 85 4.57 -1.75 10.87
C ASN E 85 4.88 -3.12 11.47
N SER E 86 4.04 -4.12 11.19
CA SER E 86 4.20 -5.48 11.72
C SER E 86 4.22 -5.50 13.24
N GLU E 87 3.45 -4.60 13.88
CA GLU E 87 3.34 -4.58 15.32
C GLU E 87 2.22 -5.47 15.84
N LEU E 88 1.18 -5.68 15.04
CA LEU E 88 0.10 -6.59 15.43
C LEU E 88 0.51 -8.06 15.32
N ILE E 89 1.50 -8.37 14.47
CA ILE E 89 1.96 -9.75 14.36
C ILE E 89 2.71 -10.18 15.61
N VAL E 90 3.53 -9.29 16.18
CA VAL E 90 4.32 -9.67 17.36
C VAL E 90 3.55 -9.55 18.66
N MET E 91 2.36 -8.95 18.65
CA MET E 91 1.48 -9.08 19.82
C MET E 91 0.79 -10.43 19.82
N ARG E 92 0.42 -10.95 18.64
CA ARG E 92 -0.11 -12.31 18.57
C ARG E 92 0.98 -13.35 18.82
N SER E 93 2.22 -13.04 18.42
CA SER E 93 3.33 -13.96 18.59
C SER E 93 3.70 -14.20 20.04
N VAL E 94 3.20 -13.39 20.97
CA VAL E 94 3.48 -13.57 22.40
C VAL E 94 2.28 -14.02 23.19
N GLY E 95 1.08 -14.05 22.61
CA GLY E 95 -0.07 -14.59 23.30
C GLY E 95 -1.17 -13.59 23.62
N ILE E 96 -1.32 -12.57 22.79
CA ILE E 96 -2.37 -11.57 22.94
C ILE E 96 -3.41 -11.83 21.85
N SER E 97 -4.62 -12.17 22.26
CA SER E 97 -5.64 -12.60 21.31
C SER E 97 -6.13 -11.42 20.46
N LEU E 98 -6.88 -11.75 19.41
CA LEU E 98 -7.51 -10.72 18.60
C LEU E 98 -8.59 -9.98 19.37
N TRP E 99 -9.37 -10.70 20.19
CA TRP E 99 -10.42 -10.06 20.94
C TRP E 99 -9.88 -9.19 22.07
N ARG E 100 -8.64 -9.44 22.51
CA ARG E 100 -8.02 -8.54 23.48
C ARG E 100 -7.55 -7.26 22.82
N ILE E 101 -6.99 -7.35 21.62
CA ILE E 101 -6.56 -6.15 20.90
C ILE E 101 -7.77 -5.31 20.51
N VAL E 102 -8.88 -5.96 20.16
CA VAL E 102 -10.11 -5.22 19.90
C VAL E 102 -10.60 -4.54 21.17
N GLY E 103 -10.52 -5.22 22.30
CA GLY E 103 -10.93 -4.62 23.56
C GLY E 103 -10.14 -3.38 23.92
N TRP E 104 -8.85 -3.35 23.55
CA TRP E 104 -8.05 -2.15 23.79
C TRP E 104 -8.47 -1.01 22.89
N VAL E 105 -8.84 -1.32 21.65
CA VAL E 105 -9.31 -0.29 20.73
C VAL E 105 -10.67 0.24 21.18
N ILE E 106 -11.52 -0.63 21.71
CA ILE E 106 -12.82 -0.20 22.22
C ILE E 106 -12.65 0.80 23.35
N ARG E 107 -11.58 0.66 24.15
CA ARG E 107 -11.31 1.64 25.19
C ARG E 107 -11.09 3.02 24.59
N SER E 108 -10.40 3.09 23.45
CA SER E 108 -10.25 4.37 22.77
C SER E 108 -11.59 4.88 22.26
N ALA E 109 -12.42 3.97 21.73
CA ALA E 109 -13.74 4.38 21.24
C ALA E 109 -14.65 4.78 22.39
N LEU E 110 -14.44 4.22 23.58
CA LEU E 110 -15.25 4.57 24.74
C LEU E 110 -15.06 6.01 25.16
N VAL E 111 -13.93 6.63 24.80
CA VAL E 111 -13.79 8.07 25.02
C VAL E 111 -14.72 8.83 24.09
N LEU E 112 -14.87 8.38 22.85
CA LEU E 112 -15.78 9.05 21.93
C LEU E 112 -17.23 8.80 22.31
N VAL E 113 -17.53 7.62 22.86
CA VAL E 113 -18.90 7.35 23.32
C VAL E 113 -19.24 8.25 24.50
N LEU E 114 -18.32 8.40 25.45
CA LEU E 114 -18.55 9.31 26.57
C LEU E 114 -18.64 10.75 26.08
N LEU E 115 -17.82 11.12 25.10
CA LEU E 115 -17.93 12.45 24.51
C LEU E 115 -19.27 12.64 23.80
N SER E 116 -19.79 11.58 23.19
CA SER E 116 -21.10 11.66 22.54
C SER E 116 -22.20 11.91 23.57
N PHE E 117 -22.10 11.27 24.74
CA PHE E 117 -23.08 11.52 25.80
C PHE E 117 -22.99 12.95 26.31
N ALA E 118 -21.78 13.46 26.51
CA ALA E 118 -21.62 14.81 27.03
C ALA E 118 -22.18 15.84 26.07
N LEU E 119 -21.90 15.67 24.77
CA LEU E 119 -22.44 16.59 23.77
C LEU E 119 -23.96 16.50 23.71
N SER E 120 -24.50 15.27 23.71
CA SER E 120 -25.94 15.08 23.57
C SER E 120 -26.69 15.66 24.77
N GLU E 121 -26.16 15.48 25.98
CA GLU E 121 -26.94 15.82 27.16
C GLU E 121 -26.80 17.30 27.53
N TRP E 122 -25.59 17.85 27.47
CA TRP E 122 -25.32 19.17 28.03
C TRP E 122 -24.80 20.19 27.04
N VAL E 123 -24.25 19.78 25.91
CA VAL E 123 -23.61 20.71 24.99
C VAL E 123 -24.47 21.01 23.76
N VAL E 124 -24.94 19.96 23.07
CA VAL E 124 -25.73 20.18 21.86
C VAL E 124 -27.03 20.94 22.14
N PRO E 125 -27.84 20.58 23.15
CA PRO E 125 -29.07 21.33 23.40
C PRO E 125 -28.84 22.79 23.77
N TYR E 126 -27.65 23.15 24.24
CA TYR E 126 -27.35 24.53 24.58
C TYR E 126 -26.86 25.33 23.38
N THR E 127 -25.87 24.81 22.66
CA THR E 127 -25.35 25.53 21.49
C THR E 127 -26.38 25.57 20.37
N ASN E 128 -27.29 24.61 20.30
CA ASN E 128 -28.39 24.68 19.34
C ASN E 128 -29.28 25.88 19.63
N GLU E 129 -29.56 26.15 20.90
CA GLU E 129 -30.32 27.35 21.25
C GLU E 129 -29.54 28.61 20.90
N ARG E 130 -28.24 28.62 21.16
CA ARG E 130 -27.42 29.79 20.81
C ARG E 130 -27.32 29.96 19.29
N ALA E 131 -27.18 28.85 18.56
CA ALA E 131 -27.08 28.94 17.11
C ALA E 131 -28.35 29.49 16.49
N ASN E 132 -29.52 29.03 16.97
CA ASN E 132 -30.78 29.51 16.43
C ASN E 132 -31.03 30.97 16.75
N SER E 133 -30.52 31.44 17.89
CA SER E 133 -30.70 32.85 18.24
C SER E 133 -29.84 33.76 17.36
N VAL E 134 -28.69 33.27 16.90
CA VAL E 134 -27.83 34.07 16.03
C VAL E 134 -28.53 34.35 14.70
N LYS E 135 -29.17 33.34 14.12
CA LYS E 135 -29.79 33.46 12.82
C LYS E 135 -31.12 34.20 12.91
N ASP E 241 -37.07 19.85 15.38
CA ASP E 241 -37.14 18.53 14.78
C ASP E 241 -36.83 17.44 15.80
N PRO E 242 -37.47 16.28 15.66
CA PRO E 242 -37.20 15.17 16.60
C PRO E 242 -35.75 14.75 16.62
N GLU E 243 -35.04 14.82 15.48
CA GLU E 243 -33.64 14.47 15.46
C GLU E 243 -32.81 15.43 16.31
N ASP E 244 -33.12 16.73 16.25
CA ASP E 244 -32.31 17.74 16.91
C ASP E 244 -32.51 17.74 18.42
N LEU E 245 -33.61 17.18 18.91
CA LEU E 245 -33.87 17.17 20.35
C LEU E 245 -32.84 16.30 21.08
N SER E 246 -32.35 16.80 22.20
CA SER E 246 -31.46 16.02 23.04
C SER E 246 -32.21 14.87 23.70
N PHE E 247 -31.44 13.89 24.19
CA PHE E 247 -32.05 12.70 24.79
C PHE E 247 -32.86 13.06 26.04
N SER E 248 -32.35 13.99 26.85
CA SER E 248 -33.10 14.45 28.01
C SER E 248 -34.40 15.12 27.58
N GLN E 249 -34.37 15.93 26.53
CA GLN E 249 -35.58 16.57 26.04
C GLN E 249 -36.49 15.56 25.34
N LEU E 250 -35.90 14.64 24.58
CA LEU E 250 -36.71 13.71 23.78
C LEU E 250 -37.52 12.78 24.67
N VAL E 251 -36.86 12.14 25.64
CA VAL E 251 -37.55 11.17 26.49
C VAL E 251 -38.61 11.88 27.34
N SER E 252 -38.28 13.07 27.85
CA SER E 252 -39.25 13.83 28.64
C SER E 252 -40.44 14.24 27.78
N PHE E 253 -40.20 14.66 26.54
CA PHE E 253 -41.30 15.03 25.65
C PHE E 253 -42.15 13.82 25.29
N MET E 254 -41.52 12.69 24.97
CA MET E 254 -42.29 11.50 24.64
C MET E 254 -43.11 11.03 25.83
N ASN E 255 -42.54 11.08 27.04
CA ASN E 255 -43.30 10.71 28.23
C ASN E 255 -44.47 11.66 28.46
N TYR E 256 -44.31 12.93 28.08
CA TYR E 256 -45.39 13.91 28.23
C TYR E 256 -46.51 13.62 27.24
N MET E 257 -46.16 13.39 25.97
CA MET E 257 -47.17 13.09 24.97
C MET E 257 -47.89 11.78 25.27
N ARG E 258 -47.14 10.75 25.68
CA ARG E 258 -47.75 9.44 25.91
C ARG E 258 -48.75 9.50 27.06
N GLU E 259 -48.58 10.43 27.99
CA GLU E 259 -49.50 10.55 29.11
C GLU E 259 -50.84 11.16 28.72
N TYR E 260 -50.89 11.86 27.58
CA TYR E 260 -52.11 12.54 27.15
C TYR E 260 -52.50 12.26 25.71
N SER E 261 -51.61 11.74 24.87
CA SER E 261 -51.92 11.48 23.48
C SER E 261 -51.03 10.34 22.99
N GLN E 262 -50.97 10.16 21.67
CA GLN E 262 -50.15 9.13 21.04
C GLN E 262 -48.87 9.75 20.52
N VAL E 263 -47.74 9.09 20.80
CA VAL E 263 -46.45 9.58 20.33
C VAL E 263 -46.29 9.22 18.85
N PRO E 264 -45.93 10.15 17.99
CA PRO E 264 -45.78 9.84 16.57
C PRO E 264 -44.59 8.92 16.32
N LYS E 265 -44.65 8.23 15.18
CA LYS E 265 -43.59 7.30 14.81
C LYS E 265 -42.29 8.02 14.46
N THR E 266 -42.35 9.32 14.19
CA THR E 266 -41.13 10.10 13.93
C THR E 266 -40.38 10.42 15.21
N TYR E 267 -41.01 10.31 16.38
CA TYR E 267 -40.32 10.45 17.65
C TYR E 267 -39.76 9.13 18.16
N GLN E 268 -40.44 8.01 17.87
CA GLN E 268 -39.88 6.70 18.21
C GLN E 268 -38.60 6.43 17.44
N LEU E 269 -38.57 6.78 16.15
CA LEU E 269 -37.34 6.61 15.37
C LEU E 269 -36.23 7.48 15.91
N ALA E 270 -36.53 8.73 16.27
CA ALA E 270 -35.51 9.60 16.83
C ALA E 270 -34.99 9.07 18.16
N PHE E 271 -35.87 8.49 18.98
CA PHE E 271 -35.46 7.90 20.24
C PHE E 271 -34.53 6.71 20.02
N TRP E 272 -34.87 5.85 19.06
CA TRP E 272 -34.05 4.67 18.81
C TRP E 272 -32.74 5.02 18.10
N LYS E 273 -32.73 6.08 17.30
CA LYS E 273 -31.51 6.49 16.65
C LYS E 273 -30.52 7.13 17.62
N LYS E 274 -30.97 7.50 18.82
CA LYS E 274 -30.10 8.08 19.84
C LYS E 274 -29.64 7.04 20.86
N VAL E 275 -30.53 6.15 21.30
CA VAL E 275 -30.15 5.11 22.25
C VAL E 275 -29.22 4.09 21.60
N ALA E 276 -29.25 3.97 20.28
CA ALA E 276 -28.38 3.06 19.55
C ALA E 276 -27.21 3.78 18.90
N SER E 277 -26.92 5.00 19.33
CA SER E 277 -25.77 5.75 18.81
C SER E 277 -24.48 5.26 19.45
N PRO E 278 -24.40 5.09 20.78
CA PRO E 278 -23.18 4.48 21.34
C PRO E 278 -22.93 3.07 20.85
N PHE E 279 -24.00 2.29 20.61
CA PHE E 279 -23.82 0.93 20.15
C PHE E 279 -23.47 0.84 18.67
N ALA E 280 -23.74 1.90 17.91
CA ALA E 280 -23.29 1.97 16.52
C ALA E 280 -21.86 2.47 16.41
N LEU E 281 -21.37 3.19 17.42
CA LEU E 281 -19.96 3.60 17.41
C LEU E 281 -19.05 2.43 17.75
N ILE E 282 -19.43 1.62 18.73
CA ILE E 282 -18.60 0.47 19.10
C ILE E 282 -18.64 -0.60 18.02
N THR E 283 -19.83 -0.88 17.48
CA THR E 283 -19.94 -1.89 16.43
C THR E 283 -19.15 -1.49 15.18
N LEU E 284 -19.20 -0.21 14.81
CA LEU E 284 -18.47 0.24 13.64
C LEU E 284 -16.96 0.25 13.88
N VAL E 285 -16.54 0.38 15.13
CA VAL E 285 -15.12 0.24 15.45
C VAL E 285 -14.69 -1.23 15.33
N LEU E 286 -15.51 -2.14 15.85
CA LEU E 286 -15.18 -3.56 15.78
C LEU E 286 -15.09 -4.03 14.33
N VAL E 287 -15.96 -3.51 13.46
CA VAL E 287 -15.87 -3.84 12.04
C VAL E 287 -14.57 -3.32 11.46
N ALA E 288 -14.16 -2.12 11.87
CA ALA E 288 -12.88 -1.56 11.41
C ALA E 288 -11.72 -2.43 11.87
N CYS E 289 -11.74 -2.88 13.12
CA CYS E 289 -10.67 -3.72 13.64
C CYS E 289 -10.63 -5.06 12.92
N SER E 290 -11.80 -5.66 12.65
CA SER E 290 -11.85 -6.95 11.97
C SER E 290 -11.35 -6.84 10.53
N PHE E 291 -11.57 -5.70 9.88
CA PHE E 291 -11.05 -5.53 8.53
C PHE E 291 -9.53 -5.48 8.51
N ILE E 292 -8.93 -4.85 9.53
CA ILE E 292 -7.47 -4.78 9.59
C ILE E 292 -6.87 -6.17 9.74
N PHE E 293 -7.46 -7.01 10.59
CA PHE E 293 -7.00 -8.38 10.77
C PHE E 293 -7.45 -9.31 9.64
N GLY E 294 -8.39 -8.89 8.81
CA GLY E 294 -8.92 -9.75 7.78
C GLY E 294 -8.64 -9.26 6.37
N PRO E 295 -9.67 -8.77 5.68
CA PRO E 295 -9.50 -8.39 4.27
C PRO E 295 -8.44 -7.32 4.05
N LEU E 296 -8.35 -6.33 4.94
CA LEU E 296 -7.46 -5.20 4.74
C LEU E 296 -6.09 -5.41 5.37
N ARG E 297 -5.71 -6.66 5.62
CA ARG E 297 -4.37 -6.95 6.11
C ARG E 297 -3.37 -6.97 4.95
N GLN E 298 -2.20 -6.36 5.19
CA GLN E 298 -1.10 -6.22 4.24
C GLN E 298 -1.42 -5.24 3.11
N GLN E 299 -2.59 -4.61 3.12
CA GLN E 299 -2.93 -3.62 2.11
C GLN E 299 -2.26 -2.28 2.42
N SER E 300 -2.25 -1.40 1.42
CA SER E 300 -1.67 -0.08 1.57
C SER E 300 -2.50 0.77 2.52
N MET E 301 -1.87 1.85 3.01
CA MET E 301 -2.59 2.79 3.87
C MET E 301 -3.66 3.55 3.10
N GLY E 302 -3.41 3.84 1.83
CA GLY E 302 -4.43 4.51 1.03
C GLY E 302 -5.64 3.64 0.76
N PHE E 303 -5.42 2.34 0.52
CA PHE E 303 -6.54 1.44 0.28
C PHE E 303 -7.40 1.26 1.52
N ARG E 304 -6.78 1.18 2.69
CA ARG E 304 -7.53 1.08 3.94
C ARG E 304 -8.38 2.33 4.17
N LEU E 305 -7.81 3.51 3.88
CA LEU E 305 -8.56 4.76 4.02
C LEU E 305 -9.72 4.82 3.03
N VAL E 306 -9.51 4.35 1.81
CA VAL E 306 -10.57 4.35 0.81
C VAL E 306 -11.71 3.41 1.24
N ILE E 307 -11.37 2.22 1.73
CA ILE E 307 -12.39 1.29 2.17
C ILE E 307 -13.09 1.83 3.42
N ALA E 308 -12.35 2.48 4.32
CA ALA E 308 -12.97 3.09 5.49
C ALA E 308 -13.96 4.18 5.11
N LEU E 309 -13.75 4.84 3.97
CA LEU E 309 -14.70 5.84 3.50
C LEU E 309 -15.94 5.21 2.89
N PHE E 310 -15.81 4.04 2.27
CA PHE E 310 -16.97 3.38 1.68
C PHE E 310 -17.86 2.79 2.77
N ILE E 311 -17.28 2.27 3.84
CA ILE E 311 -18.08 1.76 4.96
C ILE E 311 -18.77 2.91 5.67
N GLY E 312 -18.10 4.06 5.79
CA GLY E 312 -18.72 5.21 6.42
C GLY E 312 -19.92 5.73 5.65
N LEU E 313 -19.78 5.87 4.33
CA LEU E 313 -20.90 6.28 3.50
C LEU E 313 -21.95 5.17 3.43
N GLY E 314 -21.53 3.92 3.30
CA GLY E 314 -22.47 2.81 3.28
C GLY E 314 -23.30 2.72 4.54
N PHE E 315 -22.69 3.02 5.70
CA PHE E 315 -23.44 3.00 6.95
C PHE E 315 -24.36 4.20 7.08
N TYR E 316 -23.90 5.38 6.68
CA TYR E 316 -24.76 6.57 6.73
C TYR E 316 -25.95 6.44 5.80
N TYR E 317 -25.74 5.89 4.59
CA TYR E 317 -26.84 5.68 3.67
C TYR E 317 -27.78 4.58 4.17
N LEU E 318 -27.23 3.49 4.71
CA LEU E 318 -28.07 2.40 5.19
C LEU E 318 -28.92 2.84 6.38
N GLN E 319 -28.35 3.62 7.29
CA GLN E 319 -29.12 4.08 8.45
C GLN E 319 -30.10 5.19 8.06
N ASP E 320 -29.78 5.96 7.01
CA ASP E 320 -30.74 6.94 6.50
C ASP E 320 -31.92 6.25 5.81
N PHE E 321 -31.64 5.29 4.93
CA PHE E 321 -32.71 4.63 4.19
C PHE E 321 -33.61 3.82 5.12
N LEU E 322 -33.01 3.05 6.03
CA LEU E 322 -33.81 2.26 6.95
C LEU E 322 -34.50 3.12 8.01
N GLY E 323 -33.99 4.32 8.27
CA GLY E 323 -34.75 5.26 9.07
C GLY E 323 -36.03 5.71 8.41
N TYR E 324 -35.97 6.03 7.11
CA TYR E 324 -37.17 6.40 6.39
C TYR E 324 -38.12 5.22 6.25
N ALA E 325 -37.58 4.02 6.01
CA ALA E 325 -38.40 2.83 5.86
C ALA E 325 -39.15 2.48 7.14
N SER E 326 -38.66 2.92 8.30
CA SER E 326 -39.37 2.66 9.54
C SER E 326 -40.59 3.56 9.73
N LEU E 327 -40.65 4.68 9.01
CA LEU E 327 -41.79 5.58 9.05
C LEU E 327 -42.87 5.21 8.04
N VAL E 328 -42.61 4.25 7.17
CA VAL E 328 -43.57 3.84 6.15
C VAL E 328 -44.06 2.41 6.34
N TYR E 329 -43.38 1.60 7.16
CA TYR E 329 -43.73 0.21 7.35
C TYR E 329 -44.19 -0.03 8.78
N ASN E 330 -45.00 -1.08 8.94
CA ASN E 330 -45.60 -1.37 10.23
C ASN E 330 -44.61 -1.64 11.36
N PRO E 331 -43.54 -2.43 11.19
CA PRO E 331 -42.71 -2.80 12.34
C PRO E 331 -42.10 -1.59 13.03
N SER E 332 -41.79 -1.75 14.31
CA SER E 332 -41.26 -0.67 15.11
C SER E 332 -39.92 -0.21 14.58
N PRO E 333 -39.56 1.06 14.75
CA PRO E 333 -38.26 1.55 14.28
C PRO E 333 -37.06 0.88 14.97
N ALA E 334 -37.27 0.19 16.08
CA ALA E 334 -36.16 -0.50 16.74
C ALA E 334 -35.57 -1.58 15.84
N TRP E 335 -36.42 -2.27 15.09
CA TRP E 335 -35.93 -3.31 14.17
C TRP E 335 -35.05 -2.70 13.09
N PHE E 336 -35.45 -1.55 12.55
CA PHE E 336 -34.71 -0.93 11.45
C PHE E 336 -33.44 -0.23 11.94
N VAL E 337 -33.46 0.29 13.17
CA VAL E 337 -32.29 1.00 13.68
C VAL E 337 -31.27 0.02 14.23
N LEU E 338 -31.71 -0.97 15.00
CA LEU E 338 -30.84 -1.99 15.56
C LEU E 338 -30.59 -3.14 14.59
N GLY E 339 -31.11 -3.06 13.37
CA GLY E 339 -30.90 -4.09 12.38
C GLY E 339 -29.46 -4.15 11.91
N PRO E 340 -28.99 -3.11 11.22
CA PRO E 340 -27.60 -3.11 10.76
C PRO E 340 -26.59 -3.25 11.88
N ILE E 341 -26.85 -2.63 13.04
CA ILE E 341 -25.89 -2.66 14.13
C ILE E 341 -25.67 -4.11 14.60
N VAL E 342 -26.75 -4.88 14.72
CA VAL E 342 -26.61 -6.28 15.12
C VAL E 342 -25.97 -7.10 14.01
N LEU E 343 -26.35 -6.85 12.75
CA LEU E 343 -25.79 -7.62 11.65
C LEU E 343 -24.32 -7.29 11.41
N MET E 344 -23.95 -6.01 11.51
CA MET E 344 -22.54 -5.66 11.34
C MET E 344 -21.71 -6.19 12.50
N PHE E 345 -22.27 -6.21 13.71
CA PHE E 345 -21.57 -6.80 14.84
C PHE E 345 -21.36 -8.30 14.63
N VAL E 346 -22.38 -8.99 14.14
CA VAL E 346 -22.27 -10.42 13.88
C VAL E 346 -21.29 -10.68 12.73
N ALA E 347 -21.44 -9.93 11.63
CA ALA E 347 -20.52 -10.08 10.51
C ALA E 347 -19.12 -9.63 10.88
N GLY E 348 -19.01 -8.55 11.64
CA GLY E 348 -17.68 -8.09 12.06
C GLY E 348 -17.01 -9.07 13.01
N SER E 349 -17.79 -9.69 13.91
CA SER E 349 -17.23 -10.68 14.82
C SER E 349 -16.90 -11.98 14.11
N TYR E 350 -17.52 -12.24 12.96
CA TYR E 350 -17.17 -13.43 12.18
C TYR E 350 -15.83 -13.25 11.48
N LEU E 351 -15.57 -12.06 10.93
CA LEU E 351 -14.28 -11.78 10.32
C LEU E 351 -13.16 -11.85 11.35
N LEU E 352 -13.46 -11.61 12.62
CA LEU E 352 -12.48 -11.78 13.69
C LEU E 352 -12.27 -13.25 14.05
N TYR E 353 -13.32 -14.07 13.92
CA TYR E 353 -13.17 -15.50 14.18
C TYR E 353 -12.32 -16.17 13.11
N ARG E 354 -12.39 -15.70 11.86
CA ARG E 354 -11.52 -16.21 10.81
C ARG E 354 -10.07 -15.80 11.00
N ALA E 355 -9.78 -14.90 11.94
CA ALA E 355 -8.42 -14.45 12.24
C ALA E 355 -7.76 -13.80 11.02
#